data_8TLU
#
_entry.id   8TLU
#
_cell.length_a   1.00
_cell.length_b   1.00
_cell.length_c   1.00
_cell.angle_alpha   90.00
_cell.angle_beta   90.00
_cell.angle_gamma   90.00
#
_symmetry.space_group_name_H-M   'P 1'
#
_entity_poly.entity_id   1
_entity_poly.type   'polypeptide(L)'
_entity_poly.pdbx_seq_one_letter_code
;MLVWLAEHLVKYYSGFNVFSYLPFRAIVSLLTALFISLWMGPRMIAHLQKLSFGQVVRNDGPESHFSKRGTPTMGGIMIL
TAIVISVLLWAYPSNPYVWCVLVVLVGYGVIGFVDDYRKVVRKDTKGLIARWKYFWMSVIALGVAFALYLAGKDTPATQL
VVPFFKDVMPQLGLFYILLAYFVIVGTGNAVNLTDGLDGLAIMPTVFVAGGFALVAWATGNMNFASYLHIPYLRHAGELV
IVCTAIVGAGLGFLWFNTYPAQVFMGDVGSLALGGALGIIAVLLRQEFLLVIMGGVFVVETLSVILQVGSFKLRGQRIFR
MAPIHHHYELKGWPEPRVIVRFWIISLMLVLIGLATLKVR
;
_entity_poly.pdbx_strand_id   A,E
#
# COMPACT_ATOMS: atom_id res chain seq x y z
N MET A 1 6.57 -26.06 6.46
CA MET A 1 7.26 -27.32 6.87
C MET A 1 8.73 -27.06 7.14
N LEU A 2 9.32 -26.10 6.43
CA LEU A 2 10.72 -25.77 6.65
C LEU A 2 10.99 -25.37 8.09
N VAL A 3 9.96 -24.86 8.78
CA VAL A 3 10.12 -24.57 10.20
C VAL A 3 10.42 -25.85 10.98
N TRP A 4 9.73 -26.95 10.64
CA TRP A 4 10.04 -28.24 11.27
C TRP A 4 11.46 -28.68 10.94
N LEU A 5 11.89 -28.47 9.69
CA LEU A 5 13.26 -28.80 9.31
C LEU A 5 14.25 -28.05 10.16
N ALA A 6 14.04 -26.75 10.35
CA ALA A 6 14.92 -25.99 11.23
C ALA A 6 14.85 -26.50 12.65
N GLU A 7 13.64 -26.85 13.11
CA GLU A 7 13.49 -27.28 14.50
C GLU A 7 14.29 -28.54 14.79
N HIS A 8 14.27 -29.51 13.87
CA HIS A 8 14.97 -30.76 14.10
C HIS A 8 16.29 -30.85 13.34
N LEU A 9 16.80 -29.73 12.82
CA LEU A 9 18.20 -29.63 12.40
C LEU A 9 19.00 -28.61 13.21
N VAL A 10 18.37 -27.86 14.13
CA VAL A 10 19.07 -26.88 14.92
C VAL A 10 20.18 -27.49 15.78
N LYS A 11 20.12 -28.80 16.04
CA LYS A 11 21.13 -29.41 16.89
C LYS A 11 22.53 -29.24 16.32
N TYR A 12 22.65 -29.08 15.00
CA TYR A 12 23.92 -28.74 14.39
C TYR A 12 23.89 -27.45 13.57
N TYR A 13 22.71 -27.02 13.11
CA TYR A 13 22.58 -25.71 12.49
C TYR A 13 22.33 -24.67 13.58
N SER A 14 23.38 -24.44 14.36
CA SER A 14 23.30 -23.51 15.47
C SER A 14 22.94 -22.11 14.97
N GLY A 15 21.95 -21.49 15.60
CA GLY A 15 21.53 -20.16 15.25
C GLY A 15 20.29 -20.07 14.38
N PHE A 16 19.63 -21.20 14.09
CA PHE A 16 18.40 -21.20 13.29
C PHE A 16 17.15 -21.05 14.14
N ASN A 17 17.27 -20.49 15.34
CA ASN A 17 16.09 -20.09 16.09
C ASN A 17 15.36 -18.93 15.41
N VAL A 18 16.02 -18.25 14.48
CA VAL A 18 15.39 -17.16 13.76
C VAL A 18 14.25 -17.67 12.89
N PHE A 19 14.37 -18.89 12.38
CA PHE A 19 13.32 -19.45 11.53
C PHE A 19 12.00 -19.59 12.25
N SER A 20 12.00 -19.58 13.57
CA SER A 20 10.77 -19.66 14.34
C SER A 20 10.18 -18.30 14.69
N TYR A 21 10.94 -17.22 14.52
CA TYR A 21 10.50 -15.91 14.99
C TYR A 21 9.52 -15.31 13.98
N LEU A 22 8.33 -14.94 14.47
CA LEU A 22 7.18 -14.76 13.58
C LEU A 22 7.38 -13.68 12.53
N PRO A 23 7.84 -12.47 12.84
CA PRO A 23 8.05 -11.48 11.77
C PRO A 23 9.03 -11.95 10.70
N PHE A 24 10.10 -12.64 11.08
CA PHE A 24 11.06 -13.11 10.08
C PHE A 24 10.41 -14.09 9.13
N ARG A 25 9.74 -15.12 9.67
CA ARG A 25 9.08 -16.10 8.81
C ARG A 25 7.95 -15.45 8.00
N ALA A 26 7.31 -14.41 8.53
CA ALA A 26 6.26 -13.72 7.78
C ALA A 26 6.84 -13.01 6.56
N ILE A 27 7.91 -12.24 6.76
CA ILE A 27 8.53 -11.55 5.64
C ILE A 27 9.11 -12.55 4.64
N VAL A 28 9.69 -13.64 5.14
CA VAL A 28 10.23 -14.67 4.26
C VAL A 28 9.11 -15.32 3.47
N SER A 29 7.94 -15.52 4.09
CA SER A 29 6.82 -16.09 3.37
C SER A 29 6.33 -15.15 2.29
N LEU A 30 6.24 -13.85 2.59
CA LEU A 30 5.87 -12.89 1.56
C LEU A 30 6.82 -12.96 0.38
N LEU A 31 8.12 -12.92 0.67
CA LEU A 31 9.10 -12.96 -0.41
C LEU A 31 9.02 -14.26 -1.20
N THR A 32 8.83 -15.39 -0.51
CA THR A 32 8.76 -16.66 -1.19
C THR A 32 7.56 -16.70 -2.13
N ALA A 33 6.39 -16.26 -1.65
CA ALA A 33 5.21 -16.26 -2.50
C ALA A 33 5.40 -15.33 -3.70
N LEU A 34 5.93 -14.13 -3.45
CA LEU A 34 6.11 -13.17 -4.54
C LEU A 34 7.07 -13.72 -5.59
N PHE A 35 8.20 -14.28 -5.16
CA PHE A 35 9.20 -14.74 -6.12
C PHE A 35 8.73 -16.00 -6.83
N ILE A 36 8.01 -16.89 -6.14
CA ILE A 36 7.45 -18.05 -6.81
C ILE A 36 6.47 -17.61 -7.90
N SER A 37 5.59 -16.66 -7.56
CA SER A 37 4.63 -16.17 -8.54
C SER A 37 5.33 -15.54 -9.73
N LEU A 38 6.34 -14.71 -9.47
CA LEU A 38 7.05 -14.06 -10.57
C LEU A 38 7.76 -15.10 -11.44
N TRP A 39 8.33 -16.13 -10.82
CA TRP A 39 9.08 -17.12 -11.59
C TRP A 39 8.15 -17.97 -12.45
N MET A 40 6.98 -18.32 -11.93
CA MET A 40 6.08 -19.21 -12.65
C MET A 40 4.98 -18.46 -13.41
N GLY A 41 5.04 -17.13 -13.47
CA GLY A 41 4.08 -16.38 -14.23
C GLY A 41 4.13 -16.67 -15.72
N PRO A 42 5.25 -16.32 -16.36
CA PRO A 42 5.30 -16.41 -17.83
C PRO A 42 4.95 -17.80 -18.35
N ARG A 43 5.42 -18.85 -17.67
CA ARG A 43 5.08 -20.20 -18.12
C ARG A 43 3.58 -20.43 -18.07
N MET A 44 2.94 -19.99 -16.99
CA MET A 44 1.49 -20.18 -16.87
C MET A 44 0.74 -19.40 -17.93
N ILE A 45 1.12 -18.15 -18.18
CA ILE A 45 0.39 -17.37 -19.17
C ILE A 45 0.59 -17.97 -20.56
N ALA A 46 1.80 -18.47 -20.85
CA ALA A 46 2.03 -19.10 -22.15
C ALA A 46 1.19 -20.35 -22.30
N HIS A 47 1.18 -21.22 -21.28
CA HIS A 47 0.40 -22.44 -21.37
C HIS A 47 -1.09 -22.12 -21.51
N LEU A 48 -1.57 -21.13 -20.77
CA LEU A 48 -2.98 -20.77 -20.86
C LEU A 48 -3.31 -20.18 -22.22
N GLN A 49 -2.40 -19.42 -22.81
CA GLN A 49 -2.63 -18.91 -24.16
C GLN A 49 -2.72 -20.05 -25.17
N LYS A 50 -1.82 -21.02 -25.06
CA LYS A 50 -1.85 -22.16 -25.98
C LYS A 50 -2.98 -23.14 -25.68
N LEU A 51 -3.62 -23.02 -24.51
CA LEU A 51 -4.73 -23.88 -24.14
C LEU A 51 -6.09 -23.29 -24.50
N SER A 52 -6.37 -22.06 -24.07
CA SER A 52 -7.68 -21.47 -24.27
C SER A 52 -7.96 -21.21 -25.76
N PHE A 53 -7.02 -20.56 -26.44
CA PHE A 53 -7.19 -20.25 -27.86
C PHE A 53 -6.52 -21.25 -28.77
N GLY A 54 -5.54 -22.02 -28.27
CA GLY A 54 -4.84 -22.99 -29.07
C GLY A 54 -3.57 -22.48 -29.72
N GLN A 55 -3.36 -21.16 -29.76
CA GLN A 55 -2.19 -20.58 -30.36
C GLN A 55 -1.73 -19.38 -29.54
N VAL A 56 -0.45 -19.07 -29.66
CA VAL A 56 0.14 -17.95 -28.93
C VAL A 56 0.01 -16.67 -29.76
N SER A 64 -1.69 -3.72 -32.16
CA SER A 64 -2.35 -4.19 -30.95
C SER A 64 -1.58 -3.75 -29.71
N HIS A 65 -2.16 -2.82 -28.95
CA HIS A 65 -1.54 -2.29 -27.75
C HIS A 65 -2.33 -2.68 -26.50
N PHE A 66 -3.62 -2.35 -26.45
CA PHE A 66 -4.50 -2.72 -25.35
C PHE A 66 -5.59 -3.66 -25.84
N SER A 67 -5.21 -4.61 -26.68
CA SER A 67 -6.19 -5.48 -27.33
C SER A 67 -6.96 -6.28 -26.28
N LYS A 68 -8.25 -6.47 -26.54
CA LYS A 68 -9.14 -7.13 -25.61
C LYS A 68 -9.11 -8.65 -25.71
N ARG A 69 -8.50 -9.20 -26.75
CA ARG A 69 -8.41 -10.64 -26.95
C ARG A 69 -6.99 -11.12 -26.70
N GLY A 70 -6.85 -12.45 -26.64
CA GLY A 70 -5.55 -13.04 -26.40
C GLY A 70 -5.10 -13.03 -24.97
N THR A 71 -6.00 -12.76 -24.02
CA THR A 71 -5.67 -12.74 -22.60
C THR A 71 -6.35 -13.90 -21.91
N PRO A 72 -5.61 -14.86 -21.35
CA PRO A 72 -6.27 -15.98 -20.66
C PRO A 72 -7.14 -15.50 -19.52
N THR A 73 -8.28 -16.15 -19.34
CA THR A 73 -9.24 -15.75 -18.32
C THR A 73 -8.99 -16.44 -16.98
N MET A 74 -8.66 -17.73 -17.00
CA MET A 74 -8.51 -18.51 -15.77
C MET A 74 -7.02 -18.58 -15.43
N GLY A 75 -6.50 -17.46 -14.94
CA GLY A 75 -5.12 -17.36 -14.52
C GLY A 75 -4.90 -17.29 -13.03
N GLY A 76 -5.94 -17.46 -12.22
CA GLY A 76 -5.79 -17.41 -10.78
C GLY A 76 -5.12 -18.62 -10.18
N ILE A 77 -4.83 -19.63 -11.00
CA ILE A 77 -4.03 -20.76 -10.53
C ILE A 77 -2.70 -20.25 -10.00
N MET A 78 -2.20 -19.15 -10.56
CA MET A 78 -0.99 -18.53 -10.05
C MET A 78 -1.13 -18.17 -8.58
N ILE A 79 -2.19 -17.42 -8.26
CA ILE A 79 -2.41 -17.01 -6.87
C ILE A 79 -2.61 -18.22 -5.99
N LEU A 80 -3.42 -19.18 -6.45
CA LEU A 80 -3.74 -20.34 -5.63
C LEU A 80 -2.47 -21.12 -5.28
N THR A 81 -1.68 -21.46 -6.30
CA THR A 81 -0.48 -22.24 -6.06
C THR A 81 0.52 -21.48 -5.20
N ALA A 82 0.69 -20.17 -5.46
CA ALA A 82 1.63 -19.41 -4.66
C ALA A 82 1.21 -19.43 -3.19
N ILE A 83 -0.06 -19.13 -2.90
CA ILE A 83 -0.51 -19.08 -1.52
C ILE A 83 -0.33 -20.43 -0.86
N VAL A 84 -0.78 -21.50 -1.53
CA VAL A 84 -0.75 -22.81 -0.87
C VAL A 84 0.69 -23.25 -0.62
N ILE A 85 1.57 -23.10 -1.60
CA ILE A 85 2.95 -23.55 -1.41
C ILE A 85 3.61 -22.73 -0.32
N SER A 86 3.43 -21.41 -0.32
CA SER A 86 4.06 -20.59 0.71
C SER A 86 3.56 -20.96 2.09
N VAL A 87 2.24 -21.12 2.26
CA VAL A 87 1.69 -21.43 3.57
C VAL A 87 2.20 -22.79 4.04
N LEU A 88 2.17 -23.80 3.17
CA LEU A 88 2.61 -25.13 3.58
C LEU A 88 4.09 -25.15 3.89
N LEU A 89 4.90 -24.37 3.17
CA LEU A 89 6.32 -24.39 3.42
C LEU A 89 6.73 -23.61 4.66
N TRP A 90 5.98 -22.58 5.04
CA TRP A 90 6.40 -21.70 6.11
C TRP A 90 5.48 -21.66 7.32
N ALA A 91 4.22 -22.04 7.18
CA ALA A 91 3.28 -22.02 8.30
C ALA A 91 3.23 -23.38 8.98
N TYR A 92 3.01 -23.36 10.29
CA TYR A 92 2.86 -24.61 11.02
C TYR A 92 1.63 -25.36 10.50
N PRO A 93 1.77 -26.59 10.02
CA PRO A 93 0.58 -27.39 9.66
C PRO A 93 -0.10 -28.01 10.87
N SER A 94 0.48 -27.90 12.06
CA SER A 94 -0.13 -28.53 13.24
C SER A 94 -1.44 -27.86 13.61
N ASN A 95 -1.48 -26.53 13.58
CA ASN A 95 -2.67 -25.82 14.03
C ASN A 95 -3.82 -26.03 13.03
N PRO A 96 -5.07 -26.00 13.51
CA PRO A 96 -6.20 -26.21 12.60
C PRO A 96 -6.61 -24.95 11.84
N TYR A 97 -6.21 -23.76 12.30
CA TYR A 97 -6.67 -22.53 11.67
C TYR A 97 -6.07 -22.36 10.28
N VAL A 98 -4.76 -22.54 10.16
CA VAL A 98 -4.12 -22.42 8.86
C VAL A 98 -4.70 -23.43 7.89
N TRP A 99 -4.94 -24.66 8.36
CA TRP A 99 -5.49 -25.68 7.48
C TRP A 99 -6.94 -25.40 7.11
N CYS A 100 -7.72 -24.80 8.01
CA CYS A 100 -9.06 -24.38 7.66
C CYS A 100 -9.02 -23.34 6.54
N VAL A 101 -8.15 -22.34 6.68
CA VAL A 101 -8.03 -21.32 5.64
C VAL A 101 -7.59 -21.97 4.34
N LEU A 102 -6.62 -22.88 4.40
CA LEU A 102 -6.11 -23.52 3.20
C LEU A 102 -7.20 -24.34 2.51
N VAL A 103 -8.00 -25.08 3.28
CA VAL A 103 -9.02 -25.91 2.67
C VAL A 103 -10.12 -25.04 2.05
N VAL A 104 -10.49 -23.95 2.72
CA VAL A 104 -11.47 -23.04 2.11
C VAL A 104 -10.93 -22.48 0.81
N LEU A 105 -9.67 -22.02 0.83
CA LEU A 105 -9.07 -21.43 -0.35
C LEU A 105 -9.02 -22.44 -1.49
N VAL A 106 -8.60 -23.67 -1.21
CA VAL A 106 -8.46 -24.67 -2.26
C VAL A 106 -9.83 -25.08 -2.79
N GLY A 107 -10.83 -25.21 -1.91
CA GLY A 107 -12.16 -25.55 -2.39
C GLY A 107 -12.72 -24.48 -3.30
N TYR A 108 -12.62 -23.22 -2.90
CA TYR A 108 -13.08 -22.14 -3.77
C TYR A 108 -12.29 -22.09 -5.05
N GLY A 109 -10.98 -22.34 -4.98
CA GLY A 109 -10.17 -22.35 -6.18
C GLY A 109 -10.58 -23.42 -7.15
N VAL A 110 -10.83 -24.64 -6.67
CA VAL A 110 -11.24 -25.71 -7.56
C VAL A 110 -12.63 -25.43 -8.12
N ILE A 111 -13.52 -24.83 -7.32
CA ILE A 111 -14.84 -24.48 -7.85
C ILE A 111 -14.70 -23.49 -9.00
N GLY A 112 -13.88 -22.45 -8.80
CA GLY A 112 -13.67 -21.48 -9.87
C GLY A 112 -12.98 -22.08 -11.08
N PHE A 113 -12.02 -22.97 -10.86
CA PHE A 113 -11.33 -23.62 -11.96
C PHE A 113 -12.29 -24.47 -12.77
N VAL A 114 -13.17 -25.22 -12.11
CA VAL A 114 -14.16 -26.02 -12.82
C VAL A 114 -15.10 -25.11 -13.60
N ASP A 115 -15.54 -24.02 -12.98
CA ASP A 115 -16.44 -23.09 -13.68
C ASP A 115 -15.78 -22.53 -14.93
N ASP A 116 -14.53 -22.08 -14.82
CA ASP A 116 -13.86 -21.49 -15.96
C ASP A 116 -13.51 -22.52 -17.02
N TYR A 117 -13.18 -23.75 -16.63
CA TYR A 117 -12.95 -24.80 -17.60
C TYR A 117 -14.22 -25.09 -18.38
N ARG A 118 -15.36 -25.17 -17.67
CA ARG A 118 -16.63 -25.37 -18.36
C ARG A 118 -16.99 -24.18 -19.23
N LYS A 119 -16.51 -22.99 -18.87
CA LYS A 119 -16.87 -21.78 -19.61
C LYS A 119 -16.05 -21.62 -20.88
N VAL A 120 -14.72 -21.58 -20.76
CA VAL A 120 -13.85 -21.20 -21.86
C VAL A 120 -13.38 -22.41 -22.65
N VAL A 121 -13.00 -23.50 -21.98
CA VAL A 121 -12.47 -24.65 -22.69
C VAL A 121 -13.57 -25.31 -23.53
N ARG A 122 -14.76 -25.45 -22.96
CA ARG A 122 -15.89 -26.04 -23.66
C ARG A 122 -16.74 -25.00 -24.38
N LYS A 123 -16.39 -23.72 -24.29
CA LYS A 123 -17.12 -22.65 -24.97
C LYS A 123 -18.60 -22.69 -24.62
N ASP A 124 -18.89 -22.99 -23.35
CA ASP A 124 -20.26 -23.02 -22.86
C ASP A 124 -20.56 -21.73 -22.11
N THR A 125 -21.83 -21.55 -21.73
CA THR A 125 -22.25 -20.37 -20.99
C THR A 125 -23.46 -20.68 -20.12
N ILE A 129 -20.96 -24.68 -14.96
CA ILE A 129 -21.56 -24.92 -13.66
C ILE A 129 -22.61 -23.86 -13.38
N ALA A 130 -23.79 -24.29 -12.94
CA ALA A 130 -24.92 -23.38 -12.73
C ALA A 130 -25.61 -23.76 -11.44
N ARG A 131 -25.39 -22.96 -10.39
CA ARG A 131 -25.99 -23.11 -9.07
C ARG A 131 -25.41 -24.31 -8.32
N TRP A 132 -24.65 -25.16 -9.02
CA TRP A 132 -23.89 -26.19 -8.33
C TRP A 132 -22.66 -25.58 -7.68
N LYS A 133 -22.10 -24.54 -8.31
CA LYS A 133 -21.06 -23.75 -7.65
C LYS A 133 -21.59 -23.19 -6.33
N TYR A 134 -22.79 -22.63 -6.33
CA TYR A 134 -23.35 -22.06 -5.11
C TYR A 134 -23.62 -23.15 -4.07
N PHE A 135 -24.12 -24.30 -4.51
CA PHE A 135 -24.35 -25.38 -3.56
C PHE A 135 -23.04 -25.83 -2.92
N TRP A 136 -21.98 -25.96 -3.71
CA TRP A 136 -20.70 -26.36 -3.15
C TRP A 136 -20.16 -25.30 -2.21
N MET A 137 -20.30 -24.03 -2.58
CA MET A 137 -19.90 -22.95 -1.68
C MET A 137 -20.61 -23.08 -0.35
N SER A 138 -21.93 -23.26 -0.39
CA SER A 138 -22.70 -23.34 0.84
C SER A 138 -22.29 -24.54 1.67
N VAL A 139 -22.10 -25.70 1.05
CA VAL A 139 -21.80 -26.90 1.82
C VAL A 139 -20.42 -26.76 2.46
N ILE A 140 -19.43 -26.26 1.72
CA ILE A 140 -18.09 -26.13 2.30
C ILE A 140 -18.10 -25.09 3.42
N ALA A 141 -18.80 -23.96 3.21
CA ALA A 141 -18.87 -22.95 4.25
C ALA A 141 -19.52 -23.49 5.52
N LEU A 142 -20.64 -24.20 5.37
CA LEU A 142 -21.32 -24.76 6.54
C LEU A 142 -20.45 -25.81 7.23
N GLY A 143 -19.75 -26.65 6.47
CA GLY A 143 -18.87 -27.62 7.09
C GLY A 143 -17.78 -26.95 7.90
N VAL A 144 -17.14 -25.92 7.33
CA VAL A 144 -16.07 -25.24 8.03
C VAL A 144 -16.61 -24.53 9.27
N ALA A 145 -17.78 -23.88 9.15
CA ALA A 145 -18.36 -23.21 10.30
C ALA A 145 -18.71 -24.19 11.40
N PHE A 146 -19.26 -25.35 11.03
CA PHE A 146 -19.58 -26.36 12.04
C PHE A 146 -18.31 -26.86 12.72
N ALA A 147 -17.25 -27.09 11.95
CA ALA A 147 -16.00 -27.53 12.56
C ALA A 147 -15.47 -26.49 13.53
N LEU A 148 -15.50 -25.21 13.14
CA LEU A 148 -15.02 -24.16 14.03
C LEU A 148 -15.87 -24.07 15.28
N TYR A 149 -17.19 -24.18 15.14
CA TYR A 149 -18.06 -24.14 16.31
C TYR A 149 -17.77 -25.31 17.25
N LEU A 150 -17.59 -26.51 16.69
CA LEU A 150 -17.22 -27.65 17.51
C LEU A 150 -15.91 -27.41 18.22
N ALA A 151 -14.97 -26.71 17.58
CA ALA A 151 -13.71 -26.37 18.23
C ALA A 151 -13.94 -25.43 19.41
N GLY A 152 -14.79 -24.42 19.24
CA GLY A 152 -15.05 -23.45 20.28
C GLY A 152 -16.45 -23.54 20.86
N LYS A 153 -16.55 -24.00 22.10
CA LYS A 153 -17.83 -24.13 22.80
C LYS A 153 -17.83 -23.15 23.98
N ASP A 154 -18.61 -22.07 23.86
CA ASP A 154 -18.67 -21.04 24.88
C ASP A 154 -17.28 -20.48 25.17
N THR A 155 -16.63 -19.99 24.13
CA THR A 155 -15.27 -19.48 24.17
C THR A 155 -15.19 -18.14 23.48
N PRO A 156 -14.15 -17.36 23.75
CA PRO A 156 -14.00 -16.07 23.04
C PRO A 156 -13.88 -16.23 21.55
N ALA A 157 -13.55 -17.43 21.06
CA ALA A 157 -13.46 -17.66 19.62
C ALA A 157 -14.81 -17.54 18.93
N THR A 158 -15.91 -17.48 19.67
CA THR A 158 -17.24 -17.35 19.09
C THR A 158 -17.94 -16.04 19.47
N GLN A 159 -17.45 -15.32 20.47
CA GLN A 159 -18.08 -14.05 20.83
C GLN A 159 -17.93 -13.03 19.71
N LEU A 160 -19.01 -12.31 19.43
CA LEU A 160 -18.97 -11.27 18.41
C LEU A 160 -18.13 -10.10 18.86
N VAL A 161 -17.43 -9.49 17.92
CA VAL A 161 -16.57 -8.34 18.19
C VAL A 161 -17.17 -7.15 17.45
N VAL A 162 -17.64 -6.16 18.19
CA VAL A 162 -18.24 -4.95 17.65
C VAL A 162 -17.30 -3.79 17.95
N PRO A 163 -16.77 -3.10 16.95
CA PRO A 163 -15.84 -2.00 17.23
C PRO A 163 -16.56 -0.77 17.76
N PHE A 164 -15.76 0.14 18.32
CA PHE A 164 -16.24 1.36 18.97
C PHE A 164 -16.89 1.08 20.31
N PHE A 165 -17.14 -0.20 20.62
CA PHE A 165 -17.82 -0.58 21.86
C PHE A 165 -17.28 -1.95 22.28
N LYS A 166 -16.26 -1.93 23.13
CA LYS A 166 -15.78 -3.16 23.76
C LYS A 166 -16.72 -3.65 24.84
N ASP A 167 -17.70 -2.84 25.24
CA ASP A 167 -18.58 -3.22 26.34
C ASP A 167 -19.42 -4.44 25.99
N VAL A 168 -19.96 -4.49 24.77
CA VAL A 168 -20.92 -5.50 24.38
C VAL A 168 -20.23 -6.46 23.41
N MET A 169 -20.21 -7.75 23.78
CA MET A 169 -19.68 -8.81 22.94
C MET A 169 -20.61 -10.00 23.02
N PRO A 170 -21.72 -9.97 22.28
CA PRO A 170 -22.68 -11.09 22.37
C PRO A 170 -22.02 -12.40 21.97
N GLN A 171 -22.41 -13.48 22.65
CA GLN A 171 -21.88 -14.81 22.38
C GLN A 171 -22.86 -15.53 21.45
N LEU A 172 -22.38 -15.92 20.28
CA LEU A 172 -23.23 -16.59 19.30
C LEU A 172 -23.33 -18.08 19.59
N GLY A 173 -24.51 -18.63 19.32
CA GLY A 173 -24.70 -20.06 19.38
C GLY A 173 -24.82 -20.64 18.00
N LEU A 174 -26.02 -21.07 17.61
CA LEU A 174 -26.25 -21.51 16.24
C LEU A 174 -26.10 -20.38 15.24
N PHE A 175 -26.17 -19.12 15.69
CA PHE A 175 -26.03 -17.99 14.79
C PHE A 175 -24.60 -17.84 14.29
N TYR A 176 -23.62 -18.47 14.94
CA TYR A 176 -22.25 -18.42 14.44
C TYR A 176 -22.15 -19.04 13.06
N ILE A 177 -22.85 -20.17 12.85
CA ILE A 177 -22.82 -20.81 11.55
C ILE A 177 -23.44 -19.90 10.50
N LEU A 178 -24.55 -19.25 10.84
CA LEU A 178 -25.19 -18.34 9.88
C LEU A 178 -24.28 -17.17 9.55
N LEU A 179 -23.61 -16.60 10.55
CA LEU A 179 -22.71 -15.48 10.29
C LEU A 179 -21.53 -15.90 9.42
N ALA A 180 -20.95 -17.06 9.71
CA ALA A 180 -19.84 -17.54 8.89
C ALA A 180 -20.30 -17.76 7.45
N TYR A 181 -21.45 -18.41 7.27
CA TYR A 181 -22.01 -18.57 5.93
C TYR A 181 -22.14 -17.24 5.22
N PHE A 182 -22.80 -16.27 5.88
CA PHE A 182 -23.04 -14.99 5.22
C PHE A 182 -21.75 -14.31 4.84
N VAL A 183 -20.81 -14.21 5.79
CA VAL A 183 -19.59 -13.46 5.50
C VAL A 183 -18.78 -14.13 4.41
N ILE A 184 -18.59 -15.45 4.50
CA ILE A 184 -17.75 -16.13 3.52
C ILE A 184 -18.38 -16.06 2.12
N VAL A 185 -19.66 -16.42 2.01
CA VAL A 185 -20.28 -16.42 0.70
C VAL A 185 -20.36 -15.00 0.14
N GLY A 186 -20.69 -14.03 0.98
CA GLY A 186 -20.77 -12.66 0.50
C GLY A 186 -19.43 -12.12 0.04
N THR A 187 -18.37 -12.40 0.78
CA THR A 187 -17.04 -11.96 0.34
C THR A 187 -16.65 -12.63 -0.96
N GLY A 188 -16.94 -13.93 -1.10
CA GLY A 188 -16.62 -14.60 -2.35
C GLY A 188 -17.35 -13.99 -3.53
N ASN A 189 -18.66 -13.77 -3.37
CA ASN A 189 -19.44 -13.19 -4.47
C ASN A 189 -19.02 -11.75 -4.75
N ALA A 190 -18.68 -10.99 -3.71
CA ALA A 190 -18.27 -9.61 -3.93
C ALA A 190 -16.94 -9.54 -4.68
N VAL A 191 -15.99 -10.39 -4.31
CA VAL A 191 -14.72 -10.41 -5.04
C VAL A 191 -14.94 -10.89 -6.46
N ASN A 192 -15.88 -11.82 -6.67
CA ASN A 192 -16.21 -12.22 -8.04
C ASN A 192 -16.77 -11.04 -8.83
N LEU A 193 -17.65 -10.25 -8.20
CA LEU A 193 -18.27 -9.14 -8.90
C LEU A 193 -17.27 -8.04 -9.21
N THR A 194 -16.39 -7.72 -8.27
CA THR A 194 -15.43 -6.63 -8.41
C THR A 194 -14.21 -7.01 -9.24
N ASP A 195 -14.26 -8.14 -9.94
CA ASP A 195 -13.18 -8.55 -10.82
C ASP A 195 -13.43 -8.16 -12.27
N GLY A 196 -14.51 -7.42 -12.55
CA GLY A 196 -14.81 -7.08 -13.93
C GLY A 196 -13.67 -6.39 -14.64
N LEU A 197 -13.01 -5.46 -13.94
CA LEU A 197 -11.80 -4.85 -14.46
C LEU A 197 -10.59 -5.70 -14.05
N ASP A 198 -9.47 -5.41 -14.71
CA ASP A 198 -8.25 -6.17 -14.49
C ASP A 198 -7.38 -5.45 -13.47
N GLY A 199 -7.05 -6.14 -12.38
CA GLY A 199 -6.28 -5.56 -11.30
C GLY A 199 -7.10 -4.86 -10.25
N LEU A 200 -8.41 -4.74 -10.44
CA LEU A 200 -9.26 -4.06 -9.48
C LEU A 200 -9.61 -4.94 -8.29
N ALA A 201 -9.48 -6.26 -8.41
CA ALA A 201 -9.86 -7.18 -7.36
C ALA A 201 -8.66 -7.83 -6.68
N ILE A 202 -7.46 -7.28 -6.88
CA ILE A 202 -6.23 -7.87 -6.37
C ILE A 202 -5.61 -6.94 -5.34
N MET A 203 -5.30 -5.72 -5.75
CA MET A 203 -4.62 -4.77 -4.86
C MET A 203 -5.47 -4.49 -3.63
N PRO A 204 -6.78 -4.27 -3.75
CA PRO A 204 -7.60 -4.20 -2.54
C PRO A 204 -7.53 -5.47 -1.71
N THR A 205 -7.43 -6.64 -2.35
CA THR A 205 -7.24 -7.87 -1.59
C THR A 205 -5.90 -7.85 -0.87
N VAL A 206 -4.87 -7.31 -1.50
CA VAL A 206 -3.56 -7.21 -0.85
C VAL A 206 -3.65 -6.33 0.38
N PHE A 207 -4.32 -5.18 0.25
CA PHE A 207 -4.44 -4.27 1.37
C PHE A 207 -5.23 -4.90 2.51
N VAL A 208 -6.35 -5.55 2.19
CA VAL A 208 -7.14 -6.19 3.23
C VAL A 208 -6.33 -7.29 3.90
N ALA A 209 -5.58 -8.07 3.11
CA ALA A 209 -4.78 -9.14 3.69
C ALA A 209 -3.67 -8.59 4.58
N GLY A 210 -3.06 -7.47 4.20
CA GLY A 210 -2.06 -6.87 5.07
C GLY A 210 -2.66 -6.37 6.38
N GLY A 211 -3.81 -5.71 6.31
CA GLY A 211 -4.47 -5.29 7.54
C GLY A 211 -4.81 -6.48 8.42
N PHE A 212 -5.30 -7.56 7.81
CA PHE A 212 -5.62 -8.74 8.59
C PHE A 212 -4.36 -9.40 9.14
N ALA A 213 -3.24 -9.29 8.45
CA ALA A 213 -1.99 -9.80 8.99
C ALA A 213 -1.60 -9.04 10.25
N LEU A 214 -1.71 -7.71 10.21
CA LEU A 214 -1.42 -6.92 11.41
C LEU A 214 -2.37 -7.30 12.54
N VAL A 215 -3.66 -7.45 12.25
CA VAL A 215 -4.62 -7.80 13.29
C VAL A 215 -4.31 -9.18 13.86
N ALA A 216 -4.03 -10.15 12.99
CA ALA A 216 -3.75 -11.50 13.47
C ALA A 216 -2.50 -11.52 14.34
N TRP A 217 -1.47 -10.79 13.94
CA TRP A 217 -0.32 -10.65 14.85
C TRP A 217 -0.74 -9.99 16.15
N ALA A 218 -1.74 -9.11 16.10
CA ALA A 218 -2.21 -8.45 17.31
C ALA A 218 -2.93 -9.44 18.22
N THR A 219 -3.79 -10.29 17.67
CA THR A 219 -4.53 -11.24 18.48
C THR A 219 -3.67 -12.43 18.91
N GLY A 220 -2.44 -12.55 18.38
CA GLY A 220 -1.58 -13.64 18.79
C GLY A 220 -1.10 -13.52 20.22
N ASN A 221 -0.78 -12.30 20.65
CA ASN A 221 -0.16 -12.07 21.95
C ASN A 221 -1.23 -11.79 23.01
N MET A 222 -1.00 -12.29 24.22
CA MET A 222 -1.90 -12.01 25.33
C MET A 222 -1.85 -10.54 25.72
N ASN A 223 -0.64 -10.00 25.89
CA ASN A 223 -0.50 -8.61 26.32
C ASN A 223 -1.08 -7.67 25.28
N PHE A 224 -0.72 -7.84 24.01
CA PHE A 224 -1.19 -6.94 22.98
C PHE A 224 -2.70 -7.08 22.78
N ALA A 225 -3.20 -8.31 22.82
CA ALA A 225 -4.64 -8.52 22.67
C ALA A 225 -5.40 -7.85 23.81
N SER A 226 -4.88 -7.95 25.04
CA SER A 226 -5.50 -7.25 26.15
C SER A 226 -5.45 -5.74 25.96
N TYR A 227 -4.32 -5.24 25.45
CA TYR A 227 -4.20 -3.81 25.23
C TYR A 227 -5.23 -3.31 24.22
N LEU A 228 -5.48 -4.09 23.16
CA LEU A 228 -6.51 -3.75 22.19
C LEU A 228 -7.87 -4.31 22.56
N HIS A 229 -7.98 -5.08 23.64
CA HIS A 229 -9.25 -5.68 24.06
C HIS A 229 -9.87 -6.49 22.92
N ILE A 230 -9.04 -7.24 22.21
CA ILE A 230 -9.50 -8.13 21.15
C ILE A 230 -9.44 -9.56 21.68
N PRO A 231 -10.37 -10.43 21.31
CA PRO A 231 -10.30 -11.82 21.80
C PRO A 231 -8.96 -12.46 21.46
N TYR A 232 -8.34 -13.05 22.48
CA TYR A 232 -7.07 -13.73 22.29
C TYR A 232 -7.33 -15.13 21.75
N LEU A 233 -6.79 -15.41 20.57
CA LEU A 233 -6.99 -16.69 19.90
C LEU A 233 -5.68 -17.46 19.89
N ARG A 234 -5.70 -18.65 20.46
CA ARG A 234 -4.50 -19.49 20.46
C ARG A 234 -4.18 -19.96 19.05
N HIS A 235 -2.90 -20.19 18.80
CA HIS A 235 -2.42 -20.67 17.51
C HIS A 235 -3.10 -19.95 16.34
N ALA A 236 -3.45 -18.68 16.55
CA ALA A 236 -3.97 -17.82 15.50
C ALA A 236 -2.92 -16.84 14.99
N GLY A 237 -1.74 -16.79 15.63
CA GLY A 237 -0.67 -15.97 15.12
C GLY A 237 -0.04 -16.51 13.85
N GLU A 238 -0.24 -17.80 13.57
CA GLU A 238 0.23 -18.36 12.31
C GLU A 238 -0.67 -18.02 11.14
N LEU A 239 -1.86 -17.46 11.39
CA LEU A 239 -2.62 -16.84 10.32
C LEU A 239 -1.91 -15.62 9.76
N VAL A 240 -0.94 -15.08 10.50
CA VAL A 240 -0.12 -14.01 9.95
C VAL A 240 0.60 -14.50 8.71
N ILE A 241 1.07 -15.74 8.72
CA ILE A 241 1.75 -16.29 7.54
C ILE A 241 0.80 -16.40 6.37
N VAL A 242 -0.43 -16.86 6.61
CA VAL A 242 -1.39 -17.01 5.52
C VAL A 242 -1.75 -15.63 4.94
N CYS A 243 -2.01 -14.65 5.80
CA CYS A 243 -2.33 -13.31 5.31
C CYS A 243 -1.15 -12.71 4.57
N THR A 244 0.06 -12.90 5.09
CA THR A 244 1.24 -12.34 4.45
C THR A 244 1.49 -13.00 3.10
N ALA A 245 1.29 -14.31 3.01
CA ALA A 245 1.43 -15.00 1.72
C ALA A 245 0.35 -14.57 0.75
N ILE A 246 -0.86 -14.28 1.24
CA ILE A 246 -1.89 -13.74 0.37
C ILE A 246 -1.44 -12.39 -0.18
N VAL A 247 -0.87 -11.55 0.68
CA VAL A 247 -0.36 -10.26 0.21
C VAL A 247 0.69 -10.46 -0.87
N GLY A 248 1.65 -11.35 -0.62
CA GLY A 248 2.72 -11.56 -1.57
C GLY A 248 2.21 -12.10 -2.90
N ALA A 249 1.35 -13.11 -2.84
CA ALA A 249 0.81 -13.70 -4.05
C ALA A 249 -0.05 -12.72 -4.82
N GLY A 250 -0.88 -11.95 -4.12
CA GLY A 250 -1.69 -10.94 -4.79
C GLY A 250 -0.84 -9.92 -5.50
N LEU A 251 0.25 -9.48 -4.85
CA LEU A 251 1.12 -8.49 -5.49
C LEU A 251 1.87 -9.10 -6.68
N GLY A 252 2.36 -10.32 -6.53
CA GLY A 252 3.02 -10.97 -7.65
C GLY A 252 2.09 -11.14 -8.83
N PHE A 253 0.82 -11.48 -8.56
CA PHE A 253 -0.15 -11.56 -9.63
C PHE A 253 -0.41 -10.19 -10.24
N LEU A 254 -0.55 -9.16 -9.41
CA LEU A 254 -0.75 -7.83 -9.95
C LEU A 254 0.39 -7.42 -10.86
N TRP A 255 1.58 -7.99 -10.65
CA TRP A 255 2.66 -7.74 -11.59
C TRP A 255 2.22 -8.07 -13.01
N PHE A 256 1.42 -9.13 -13.17
CA PHE A 256 0.95 -9.56 -14.48
C PHE A 256 -0.50 -9.17 -14.75
N ASN A 257 -1.11 -8.37 -13.89
CA ASN A 257 -2.52 -8.04 -14.02
C ASN A 257 -2.77 -6.56 -13.81
N THR A 258 -1.92 -5.72 -14.38
CA THR A 258 -2.17 -4.29 -14.40
C THR A 258 -3.16 -4.00 -15.52
N TYR A 259 -3.36 -2.73 -15.86
CA TYR A 259 -4.32 -2.40 -16.92
C TYR A 259 -4.04 -3.14 -18.21
N PRO A 260 -2.82 -3.16 -18.76
CA PRO A 260 -2.55 -4.10 -19.86
C PRO A 260 -2.50 -5.54 -19.36
N ALA A 261 -3.65 -6.08 -19.01
CA ALA A 261 -3.72 -7.38 -18.36
C ALA A 261 -3.13 -8.44 -19.28
N GLN A 262 -1.95 -8.94 -18.94
CA GLN A 262 -1.40 -10.07 -19.66
C GLN A 262 -2.17 -11.35 -19.36
N VAL A 263 -2.83 -11.43 -18.22
CA VAL A 263 -3.61 -12.59 -17.84
C VAL A 263 -4.79 -12.14 -17.00
N PHE A 264 -6.00 -12.43 -17.47
CA PHE A 264 -7.19 -12.18 -16.67
C PHE A 264 -7.33 -13.25 -15.61
N MET A 265 -7.83 -12.85 -14.44
CA MET A 265 -8.15 -13.78 -13.38
C MET A 265 -9.64 -14.10 -13.45
N GLY A 266 -9.97 -15.39 -13.48
CA GLY A 266 -11.34 -15.84 -13.59
C GLY A 266 -11.93 -16.13 -12.24
N ASP A 267 -12.97 -16.97 -12.24
CA ASP A 267 -13.55 -17.39 -10.96
C ASP A 267 -12.50 -18.11 -10.11
N VAL A 268 -11.69 -18.96 -10.74
CA VAL A 268 -10.50 -19.46 -10.06
C VAL A 268 -9.64 -18.28 -9.68
N GLY A 269 -9.19 -18.25 -8.43
CA GLY A 269 -8.41 -17.13 -7.95
C GLY A 269 -9.28 -16.07 -7.30
N SER A 270 -10.23 -15.51 -8.06
CA SER A 270 -11.09 -14.47 -7.49
C SER A 270 -11.93 -15.03 -6.35
N LEU A 271 -12.65 -16.13 -6.59
CA LEU A 271 -13.40 -16.76 -5.53
C LEU A 271 -12.49 -17.26 -4.42
N ALA A 272 -11.30 -17.74 -4.78
CA ALA A 272 -10.36 -18.20 -3.77
C ALA A 272 -10.01 -17.08 -2.81
N LEU A 273 -9.67 -15.91 -3.34
CA LEU A 273 -9.28 -14.79 -2.50
C LEU A 273 -10.46 -14.26 -1.69
N GLY A 274 -11.65 -14.24 -2.30
CA GLY A 274 -12.82 -13.82 -1.55
C GLY A 274 -13.10 -14.74 -0.38
N GLY A 275 -13.06 -16.05 -0.61
CA GLY A 275 -13.24 -16.99 0.47
C GLY A 275 -12.15 -16.89 1.52
N ALA A 276 -10.91 -16.67 1.08
CA ALA A 276 -9.82 -16.54 2.03
C ALA A 276 -10.02 -15.33 2.93
N LEU A 277 -10.41 -14.19 2.35
CA LEU A 277 -10.67 -13.01 3.18
C LEU A 277 -11.82 -13.26 4.14
N GLY A 278 -12.91 -13.86 3.65
CA GLY A 278 -14.03 -14.13 4.54
C GLY A 278 -13.65 -15.06 5.68
N ILE A 279 -12.95 -16.14 5.37
CA ILE A 279 -12.62 -17.12 6.40
C ILE A 279 -11.59 -16.54 7.38
N ILE A 280 -10.64 -15.76 6.88
CA ILE A 280 -9.70 -15.11 7.78
C ILE A 280 -10.44 -14.17 8.72
N ALA A 281 -11.45 -13.47 8.20
CA ALA A 281 -12.28 -12.63 9.07
C ALA A 281 -12.98 -13.49 10.11
N VAL A 282 -13.48 -14.66 9.71
CA VAL A 282 -14.23 -15.51 10.63
C VAL A 282 -13.33 -16.00 11.76
N LEU A 283 -12.15 -16.51 11.42
CA LEU A 283 -11.24 -17.01 12.46
C LEU A 283 -10.84 -15.90 13.42
N LEU A 284 -10.50 -14.72 12.88
CA LEU A 284 -10.14 -13.60 13.73
C LEU A 284 -11.34 -12.97 14.43
N ARG A 285 -12.56 -13.38 14.06
CA ARG A 285 -13.78 -12.80 14.64
C ARG A 285 -13.81 -11.28 14.43
N GLN A 286 -13.52 -10.86 13.20
CA GLN A 286 -13.52 -9.46 12.81
C GLN A 286 -14.32 -9.26 11.53
N GLU A 287 -15.51 -9.88 11.47
CA GLU A 287 -16.33 -9.75 10.26
C GLU A 287 -16.71 -8.30 9.99
N PHE A 288 -17.09 -7.56 11.03
CA PHE A 288 -17.46 -6.16 10.82
C PHE A 288 -16.25 -5.37 10.34
N LEU A 289 -15.08 -5.64 10.91
CA LEU A 289 -13.86 -5.03 10.40
C LEU A 289 -13.60 -5.44 8.97
N LEU A 290 -13.93 -6.68 8.60
CA LEU A 290 -13.81 -7.07 7.20
C LEU A 290 -14.70 -6.20 6.32
N VAL A 291 -15.91 -5.89 6.79
CA VAL A 291 -16.77 -5.00 6.03
C VAL A 291 -16.10 -3.63 5.87
N ILE A 292 -15.54 -3.10 6.95
CA ILE A 292 -14.91 -1.78 6.85
C ILE A 292 -13.75 -1.80 5.86
N MET A 293 -12.93 -2.85 5.89
CA MET A 293 -11.76 -2.89 5.01
C MET A 293 -12.15 -3.15 3.56
N GLY A 294 -13.13 -4.02 3.33
CA GLY A 294 -13.57 -4.34 1.99
C GLY A 294 -14.78 -3.52 1.59
N GLY A 295 -14.93 -2.36 2.23
CA GLY A 295 -15.93 -1.40 1.80
C GLY A 295 -16.06 -1.31 0.29
N VAL A 296 -14.97 -1.46 -0.45
CA VAL A 296 -15.07 -1.43 -1.90
C VAL A 296 -15.93 -2.60 -2.40
N PHE A 297 -15.63 -3.81 -1.93
CA PHE A 297 -16.41 -4.97 -2.36
C PHE A 297 -17.86 -4.84 -1.93
N VAL A 298 -18.08 -4.41 -0.69
CA VAL A 298 -19.43 -4.29 -0.17
C VAL A 298 -20.23 -3.25 -0.95
N VAL A 299 -19.59 -2.12 -1.26
CA VAL A 299 -20.25 -1.07 -2.02
C VAL A 299 -20.60 -1.58 -3.41
N GLU A 300 -19.69 -2.31 -4.05
CA GLU A 300 -19.99 -2.84 -5.37
C GLU A 300 -21.16 -3.81 -5.33
N THR A 301 -21.16 -4.71 -4.35
CA THR A 301 -22.25 -5.68 -4.25
C THR A 301 -23.58 -4.99 -4.01
N LEU A 302 -23.63 -4.06 -3.06
CA LEU A 302 -24.89 -3.40 -2.76
C LEU A 302 -25.32 -2.51 -3.91
N SER A 303 -24.38 -1.98 -4.69
CA SER A 303 -24.76 -1.20 -5.87
C SER A 303 -25.40 -2.09 -6.92
N VAL A 304 -24.82 -3.26 -7.16
CA VAL A 304 -25.42 -4.19 -8.11
C VAL A 304 -26.83 -4.56 -7.66
N ILE A 305 -26.98 -4.90 -6.38
CA ILE A 305 -28.29 -5.29 -5.86
C ILE A 305 -29.26 -4.12 -5.96
N LEU A 306 -28.80 -2.91 -5.65
CA LEU A 306 -29.68 -1.75 -5.67
C LEU A 306 -30.18 -1.46 -7.08
N GLN A 307 -29.28 -1.51 -8.07
CA GLN A 307 -29.73 -1.26 -9.44
C GLN A 307 -30.63 -2.39 -9.94
N VAL A 308 -30.36 -3.63 -9.55
CA VAL A 308 -31.25 -4.72 -9.94
C VAL A 308 -32.64 -4.48 -9.37
N GLY A 309 -32.72 -4.12 -8.09
CA GLY A 309 -34.01 -3.85 -7.49
C GLY A 309 -34.71 -2.67 -8.13
N SER A 310 -33.96 -1.63 -8.48
CA SER A 310 -34.57 -0.48 -9.13
C SER A 310 -35.14 -0.86 -10.49
N PHE A 311 -34.35 -1.55 -11.31
CA PHE A 311 -34.83 -1.98 -12.62
C PHE A 311 -35.98 -2.97 -12.51
N LYS A 312 -36.09 -3.69 -11.40
CA LYS A 312 -37.16 -4.66 -11.23
C LYS A 312 -38.46 -3.99 -10.79
N LEU A 313 -38.38 -3.12 -9.79
CA LEU A 313 -39.58 -2.46 -9.27
C LEU A 313 -39.96 -1.25 -10.11
N ARG A 314 -39.09 -0.23 -10.14
CA ARG A 314 -39.42 1.00 -10.83
C ARG A 314 -39.34 0.82 -12.35
N GLY A 315 -38.40 0.00 -12.82
CA GLY A 315 -38.19 -0.22 -14.23
C GLY A 315 -37.14 0.67 -14.86
N GLN A 316 -36.63 1.66 -14.12
CA GLN A 316 -35.57 2.54 -14.59
C GLN A 316 -34.26 2.17 -13.92
N ARG A 317 -33.17 2.75 -14.41
CA ARG A 317 -31.84 2.51 -13.90
C ARG A 317 -31.20 3.83 -13.47
N ILE A 318 -30.51 3.79 -12.33
CA ILE A 318 -29.79 4.96 -11.85
C ILE A 318 -28.29 4.88 -12.12
N PHE A 319 -27.75 3.69 -12.35
CA PHE A 319 -26.37 3.51 -12.78
C PHE A 319 -26.38 2.92 -14.18
N ARG A 320 -25.39 3.30 -14.98
CA ARG A 320 -25.30 2.76 -16.33
C ARG A 320 -25.17 1.24 -16.31
N MET A 321 -24.34 0.71 -15.43
CA MET A 321 -24.13 -0.73 -15.31
C MET A 321 -24.15 -1.12 -13.84
N ALA A 322 -24.44 -2.39 -13.60
CA ALA A 322 -24.65 -2.84 -12.22
C ALA A 322 -23.43 -2.62 -11.34
N PRO A 323 -22.23 -3.08 -11.68
CA PRO A 323 -21.07 -2.75 -10.85
C PRO A 323 -20.74 -1.27 -10.96
N ILE A 324 -20.25 -0.71 -9.85
CA ILE A 324 -20.00 0.73 -9.82
C ILE A 324 -18.81 1.10 -10.70
N HIS A 325 -17.78 0.26 -10.76
CA HIS A 325 -16.64 0.58 -11.61
C HIS A 325 -17.05 0.62 -13.07
N HIS A 326 -17.93 -0.29 -13.50
CA HIS A 326 -18.46 -0.22 -14.86
C HIS A 326 -19.24 1.08 -15.06
N HIS A 327 -20.04 1.46 -14.06
CA HIS A 327 -20.75 2.73 -14.13
C HIS A 327 -19.79 3.88 -14.39
N TYR A 328 -18.70 3.96 -13.63
CA TYR A 328 -17.77 5.08 -13.80
C TYR A 328 -17.06 5.02 -15.14
N GLU A 329 -16.56 3.85 -15.55
CA GLU A 329 -15.80 3.83 -16.81
C GLU A 329 -16.70 4.16 -17.98
N LEU A 330 -17.95 3.68 -17.99
CA LEU A 330 -18.85 4.04 -19.07
C LEU A 330 -19.29 5.49 -18.99
N LYS A 331 -19.10 6.15 -17.85
CA LYS A 331 -19.41 7.57 -17.75
C LYS A 331 -18.37 8.42 -18.46
N GLY A 332 -17.15 7.91 -18.62
CA GLY A 332 -16.10 8.66 -19.28
C GLY A 332 -14.73 8.45 -18.66
N TRP A 333 -14.70 7.84 -17.48
CA TRP A 333 -13.43 7.59 -16.82
C TRP A 333 -12.68 6.49 -17.57
N PRO A 334 -11.40 6.68 -17.90
CA PRO A 334 -10.62 5.57 -18.45
C PRO A 334 -10.42 4.48 -17.42
N GLU A 335 -10.17 3.27 -17.91
CA GLU A 335 -10.02 2.12 -17.02
C GLU A 335 -8.92 2.31 -15.99
N PRO A 336 -7.71 2.76 -16.36
CA PRO A 336 -6.67 2.93 -15.34
C PRO A 336 -7.06 3.90 -14.25
N ARG A 337 -7.75 4.99 -14.60
CA ARG A 337 -8.14 5.96 -13.59
C ARG A 337 -9.09 5.32 -12.58
N VAL A 338 -10.05 4.54 -13.06
CA VAL A 338 -10.96 3.84 -12.15
C VAL A 338 -10.18 2.88 -11.27
N ILE A 339 -9.24 2.13 -11.86
CA ILE A 339 -8.49 1.16 -11.07
C ILE A 339 -7.76 1.84 -9.93
N VAL A 340 -7.04 2.92 -10.24
CA VAL A 340 -6.25 3.58 -9.20
C VAL A 340 -7.14 4.30 -8.19
N ARG A 341 -8.23 4.90 -8.66
CA ARG A 341 -9.15 5.58 -7.76
C ARG A 341 -9.94 4.61 -6.89
N PHE A 342 -9.92 3.32 -7.21
CA PHE A 342 -10.46 2.33 -6.30
C PHE A 342 -9.38 1.72 -5.40
N TRP A 343 -8.14 1.63 -5.89
CA TRP A 343 -7.05 1.21 -5.01
C TRP A 343 -6.88 2.19 -3.87
N ILE A 344 -6.94 3.49 -4.17
CA ILE A 344 -6.80 4.50 -3.11
C ILE A 344 -7.93 4.36 -2.10
N ILE A 345 -9.16 4.17 -2.58
CA ILE A 345 -10.30 4.03 -1.66
C ILE A 345 -10.13 2.81 -0.78
N SER A 346 -9.70 1.68 -1.36
CA SER A 346 -9.50 0.47 -0.57
C SER A 346 -8.40 0.67 0.46
N LEU A 347 -7.29 1.31 0.08
CA LEU A 347 -6.22 1.55 1.03
C LEU A 347 -6.69 2.41 2.19
N MET A 348 -7.41 3.49 1.90
CA MET A 348 -7.84 4.36 2.98
C MET A 348 -8.91 3.70 3.83
N LEU A 349 -9.75 2.85 3.26
CA LEU A 349 -10.67 2.07 4.07
C LEU A 349 -9.92 1.12 4.99
N VAL A 350 -8.84 0.52 4.50
CA VAL A 350 -8.02 -0.35 5.34
C VAL A 350 -7.47 0.43 6.52
N LEU A 351 -6.93 1.62 6.25
CA LEU A 351 -6.40 2.43 7.34
C LEU A 351 -7.51 2.84 8.31
N ILE A 352 -8.69 3.17 7.79
CA ILE A 352 -9.79 3.56 8.67
C ILE A 352 -10.18 2.40 9.58
N GLY A 353 -10.29 1.20 9.02
CA GLY A 353 -10.62 0.04 9.84
C GLY A 353 -9.56 -0.25 10.89
N LEU A 354 -8.28 -0.19 10.51
CA LEU A 354 -7.23 -0.43 11.48
C LEU A 354 -7.24 0.60 12.59
N ALA A 355 -7.48 1.88 12.25
CA ALA A 355 -7.60 2.89 13.29
C ALA A 355 -8.78 2.61 14.19
N THR A 356 -9.92 2.22 13.60
CA THR A 356 -11.08 1.84 14.40
C THR A 356 -10.72 0.74 15.39
N LEU A 357 -9.84 -0.17 14.98
CA LEU A 357 -9.49 -1.30 15.85
C LEU A 357 -9.03 -0.82 17.22
N LYS A 358 -8.33 0.31 17.28
CA LYS A 358 -7.78 0.75 18.56
C LYS A 358 -8.82 1.45 19.43
N VAL A 359 -9.53 2.43 18.87
CA VAL A 359 -10.53 3.15 19.64
C VAL A 359 -11.73 2.24 19.87
N ARG A 360 -12.13 2.11 21.13
CA ARG A 360 -13.22 1.21 21.49
C ARG A 360 -14.14 1.85 22.53
N MET B 1 -1.24 24.08 14.76
CA MET B 1 -1.70 25.11 15.73
C MET B 1 -3.10 24.78 16.24
N LEU B 2 -3.85 23.99 15.46
CA LEU B 2 -5.20 23.64 15.88
C LEU B 2 -5.18 22.74 17.11
N VAL B 3 -4.14 21.94 17.28
CA VAL B 3 -4.03 21.12 18.49
C VAL B 3 -3.85 22.01 19.71
N TRP B 4 -3.18 23.15 19.56
CA TRP B 4 -3.01 24.05 20.69
C TRP B 4 -4.37 24.52 21.20
N LEU B 5 -5.30 24.81 20.28
CA LEU B 5 -6.66 25.14 20.68
C LEU B 5 -7.30 24.01 21.47
N ALA B 6 -7.07 22.77 21.05
CA ALA B 6 -7.67 21.64 21.74
C ALA B 6 -7.23 21.57 23.20
N GLU B 7 -5.93 21.73 23.46
CA GLU B 7 -5.43 21.64 24.82
C GLU B 7 -5.72 22.89 25.64
N HIS B 8 -5.83 24.05 25.00
CA HIS B 8 -6.18 25.26 25.73
C HIS B 8 -7.68 25.34 26.03
N LEU B 9 -8.50 24.56 25.33
CA LEU B 9 -9.94 24.51 25.58
C LEU B 9 -10.39 23.16 26.10
N VAL B 10 -9.47 22.29 26.50
CA VAL B 10 -9.86 21.02 27.11
C VAL B 10 -10.39 21.23 28.53
N LYS B 11 -10.09 22.38 29.14
CA LYS B 11 -10.55 22.63 30.51
C LYS B 11 -12.08 22.62 30.59
N TYR B 12 -12.73 23.27 29.63
CA TYR B 12 -14.20 23.30 29.65
C TYR B 12 -14.78 21.93 29.34
N TYR B 13 -14.23 21.24 28.34
CA TYR B 13 -14.69 19.93 27.93
C TYR B 13 -13.49 18.99 27.89
N SER B 14 -13.50 17.99 28.77
CA SER B 14 -12.35 17.10 28.91
C SER B 14 -12.20 16.13 27.75
N GLY B 15 -13.19 16.04 26.86
CA GLY B 15 -13.10 15.12 25.75
C GLY B 15 -12.11 15.53 24.67
N PHE B 16 -11.66 16.78 24.69
CA PHE B 16 -10.67 17.23 23.71
C PHE B 16 -9.27 16.67 23.96
N ASN B 17 -9.05 16.04 25.12
CA ASN B 17 -7.72 15.52 25.41
C ASN B 17 -7.27 14.47 24.42
N VAL B 18 -8.21 13.85 23.69
CA VAL B 18 -7.85 12.86 22.69
C VAL B 18 -7.05 13.48 21.55
N PHE B 19 -7.20 14.78 21.32
CA PHE B 19 -6.49 15.41 20.21
C PHE B 19 -4.99 15.41 20.40
N SER B 20 -4.50 15.18 21.63
CA SER B 20 -3.07 15.13 21.89
C SER B 20 -2.52 13.72 21.80
N TYR B 21 -3.33 12.74 21.39
CA TYR B 21 -2.88 11.37 21.24
C TYR B 21 -2.31 11.20 19.84
N LEU B 22 -1.08 10.70 19.76
CA LEU B 22 -0.37 10.67 18.48
C LEU B 22 -1.12 9.88 17.41
N PRO B 23 -1.60 8.67 17.67
CA PRO B 23 -2.30 7.94 16.60
C PRO B 23 -3.52 8.65 16.06
N PHE B 24 -4.38 9.17 16.94
CA PHE B 24 -5.56 9.88 16.47
C PHE B 24 -5.18 11.11 15.67
N ARG B 25 -4.19 11.87 16.15
CA ARG B 25 -3.76 13.05 15.43
C ARG B 25 -3.21 12.68 14.06
N ALA B 26 -2.47 11.57 13.98
CA ALA B 26 -1.92 11.15 12.70
C ALA B 26 -3.03 10.75 11.72
N ILE B 27 -4.02 9.99 12.19
CA ILE B 27 -5.11 9.60 11.30
C ILE B 27 -5.87 10.83 10.83
N VAL B 28 -6.16 11.75 11.74
CA VAL B 28 -6.88 12.95 11.35
C VAL B 28 -6.05 13.78 10.39
N SER B 29 -4.72 13.79 10.56
CA SER B 29 -3.86 14.50 9.62
C SER B 29 -3.93 13.88 8.23
N LEU B 30 -3.90 12.56 8.15
CA LEU B 30 -4.06 11.90 6.86
C LEU B 30 -5.36 12.34 6.20
N LEU B 31 -6.47 12.26 6.95
CA LEU B 31 -7.76 12.58 6.37
C LEU B 31 -7.85 14.04 5.96
N THR B 32 -7.32 14.94 6.78
CA THR B 32 -7.32 16.36 6.43
C THR B 32 -6.51 16.60 5.16
N ALA B 33 -5.34 15.96 5.06
CA ALA B 33 -4.52 16.15 3.88
C ALA B 33 -5.25 15.72 2.62
N LEU B 34 -5.82 14.50 2.65
CA LEU B 34 -6.52 14.03 1.44
C LEU B 34 -7.73 14.89 1.13
N PHE B 35 -8.51 15.28 2.15
CA PHE B 35 -9.72 16.03 1.85
C PHE B 35 -9.38 17.43 1.33
N ILE B 36 -8.32 18.04 1.85
CA ILE B 36 -7.88 19.33 1.31
C ILE B 36 -7.43 19.16 -0.13
N SER B 37 -6.66 18.11 -0.41
CA SER B 37 -6.19 17.90 -1.77
C SER B 37 -7.34 17.71 -2.74
N LEU B 38 -8.36 16.96 -2.33
CA LEU B 38 -9.49 16.73 -3.21
C LEU B 38 -10.37 17.97 -3.35
N TRP B 39 -10.53 18.74 -2.27
CA TRP B 39 -11.33 19.96 -2.35
C TRP B 39 -10.68 20.97 -3.27
N MET B 40 -9.36 21.13 -3.19
CA MET B 40 -8.64 22.02 -4.09
C MET B 40 -8.13 21.25 -5.31
N GLY B 41 -9.06 20.53 -5.93
CA GLY B 41 -8.76 19.66 -7.03
C GLY B 41 -9.21 20.22 -8.36
N PRO B 42 -10.42 19.81 -8.81
CA PRO B 42 -10.87 20.20 -10.15
C PRO B 42 -10.80 21.71 -10.39
N ARG B 43 -11.14 22.51 -9.39
CA ARG B 43 -11.03 23.96 -9.55
C ARG B 43 -9.59 24.38 -9.78
N MET B 44 -8.65 23.80 -9.04
CA MET B 44 -7.25 24.16 -9.21
C MET B 44 -6.74 23.77 -10.59
N ILE B 45 -7.08 22.56 -11.05
CA ILE B 45 -6.61 22.16 -12.38
C ILE B 45 -7.27 23.02 -13.45
N ALA B 46 -8.52 23.41 -13.25
CA ALA B 46 -9.16 24.32 -14.20
C ALA B 46 -8.43 25.64 -14.27
N HIS B 47 -8.06 26.20 -13.11
CA HIS B 47 -7.30 27.44 -13.10
C HIS B 47 -5.95 27.27 -13.81
N LEU B 48 -5.27 26.16 -13.53
CA LEU B 48 -3.96 25.94 -14.14
C LEU B 48 -4.06 25.82 -15.66
N GLN B 49 -5.05 25.08 -16.15
CA GLN B 49 -5.18 24.93 -17.59
C GLN B 49 -5.63 26.24 -18.25
N LYS B 50 -6.48 27.02 -17.58
CA LYS B 50 -6.82 28.33 -18.10
C LYS B 50 -5.59 29.22 -18.21
N LEU B 51 -4.74 29.19 -17.18
CA LEU B 51 -3.54 30.03 -17.19
C LEU B 51 -2.54 29.56 -18.25
N SER B 52 -2.43 28.26 -18.47
CA SER B 52 -1.40 27.72 -19.36
C SER B 52 -1.84 27.73 -20.83
N PHE B 53 -3.12 27.50 -21.10
CA PHE B 53 -3.61 27.39 -22.47
C PHE B 53 -4.82 28.26 -22.77
N GLY B 54 -5.57 28.70 -21.76
CA GLY B 54 -6.73 29.54 -21.99
C GLY B 54 -8.02 28.76 -22.12
N GLN B 55 -8.12 27.90 -23.15
CA GLN B 55 -9.33 27.14 -23.39
C GLN B 55 -9.54 26.14 -22.25
N VAL B 56 -10.53 26.42 -21.40
CA VAL B 56 -10.76 25.58 -20.23
C VAL B 56 -11.25 24.19 -20.64
N VAL B 57 -12.15 24.13 -21.62
CA VAL B 57 -12.73 22.85 -22.04
C VAL B 57 -11.62 21.99 -22.64
N ARG B 58 -11.58 20.73 -22.22
CA ARG B 58 -10.59 19.78 -22.73
C ARG B 58 -10.71 19.64 -24.25
N SER B 64 -7.73 9.72 -27.49
CA SER B 64 -7.98 11.05 -26.93
C SER B 64 -7.60 11.10 -25.45
N HIS B 65 -8.18 10.18 -24.67
CA HIS B 65 -7.86 10.12 -23.24
C HIS B 65 -6.45 9.62 -23.02
N PHE B 66 -6.15 8.41 -23.49
CA PHE B 66 -4.81 7.86 -23.33
C PHE B 66 -3.78 8.75 -24.02
N SER B 67 -4.11 9.22 -25.23
CA SER B 67 -3.27 10.19 -25.94
C SER B 67 -3.55 11.60 -25.40
N LYS B 68 -3.31 11.75 -24.11
CA LYS B 68 -3.55 13.01 -23.44
C LYS B 68 -2.64 14.10 -23.99
N ARG B 69 -3.14 15.32 -24.03
CA ARG B 69 -2.36 16.47 -24.46
C ARG B 69 -2.94 17.72 -23.83
N GLY B 70 -2.08 18.70 -23.61
CA GLY B 70 -2.52 19.96 -23.05
C GLY B 70 -3.03 19.86 -21.63
N THR B 71 -2.35 19.10 -20.77
CA THR B 71 -2.71 19.02 -19.36
C THR B 71 -1.82 19.94 -18.54
N PRO B 72 -2.34 20.53 -17.46
CA PRO B 72 -1.51 21.44 -16.66
C PRO B 72 -0.30 20.73 -16.07
N THR B 73 0.77 21.49 -15.88
CA THR B 73 2.03 20.96 -15.35
C THR B 73 2.49 21.76 -14.13
N MET B 74 1.55 22.23 -13.32
CA MET B 74 1.86 23.00 -12.11
C MET B 74 1.10 22.43 -10.92
N GLY B 75 0.83 21.12 -10.91
CA GLY B 75 -0.03 20.55 -9.90
C GLY B 75 0.62 20.37 -8.54
N GLY B 76 1.93 20.55 -8.43
CA GLY B 76 2.57 20.35 -7.15
C GLY B 76 2.15 21.32 -6.08
N ILE B 77 1.58 22.46 -6.47
CA ILE B 77 1.04 23.39 -5.47
C ILE B 77 -0.07 22.72 -4.70
N MET B 78 -0.76 21.75 -5.30
CA MET B 78 -1.74 20.95 -4.56
C MET B 78 -1.08 20.24 -3.39
N ILE B 79 0.01 19.52 -3.66
CA ILE B 79 0.70 18.80 -2.60
C ILE B 79 1.24 19.78 -1.55
N LEU B 80 1.82 20.89 -2.01
CA LEU B 80 2.36 21.87 -1.09
C LEU B 80 1.28 22.37 -0.13
N THR B 81 0.15 22.82 -0.69
CA THR B 81 -0.91 23.35 0.15
C THR B 81 -1.44 22.29 1.11
N ALA B 82 -1.69 21.08 0.60
CA ALA B 82 -2.23 20.04 1.47
C ALA B 82 -1.29 19.73 2.62
N ILE B 83 -0.01 19.51 2.31
CA ILE B 83 0.96 19.14 3.34
C ILE B 83 1.10 20.26 4.36
N VAL B 84 1.27 21.49 3.88
CA VAL B 84 1.50 22.60 4.80
C VAL B 84 0.28 22.83 5.69
N ILE B 85 -0.91 22.82 5.11
CA ILE B 85 -2.12 23.05 5.89
C ILE B 85 -2.27 21.95 6.95
N SER B 86 -2.12 20.69 6.55
CA SER B 86 -2.32 19.60 7.49
C SER B 86 -1.28 19.64 8.60
N VAL B 87 -0.02 19.91 8.26
CA VAL B 87 1.03 19.96 9.27
C VAL B 87 0.76 21.10 10.25
N LEU B 88 0.50 22.30 9.73
CA LEU B 88 0.26 23.43 10.61
C LEU B 88 -1.00 23.26 11.43
N LEU B 89 -1.94 22.44 10.98
CA LEU B 89 -3.17 22.24 11.75
C LEU B 89 -3.00 21.19 12.84
N TRP B 90 -2.37 20.05 12.53
CA TRP B 90 -2.35 18.90 13.43
C TRP B 90 -0.95 18.56 13.92
N ALA B 91 0.01 19.46 13.80
CA ALA B 91 1.36 19.24 14.32
C ALA B 91 1.73 20.38 15.25
N TYR B 92 2.51 20.06 16.27
CA TYR B 92 2.90 21.06 17.25
C TYR B 92 3.81 22.08 16.58
N PRO B 93 3.42 23.36 16.49
CA PRO B 93 4.37 24.36 15.95
C PRO B 93 5.60 24.54 16.81
N SER B 94 5.53 24.23 18.11
CA SER B 94 6.69 24.40 18.97
C SER B 94 7.83 23.48 18.59
N ASN B 95 7.56 22.40 17.85
CA ASN B 95 8.61 21.49 17.42
C ASN B 95 9.52 22.18 16.42
N PRO B 96 10.84 22.17 16.62
CA PRO B 96 11.73 22.66 15.56
C PRO B 96 11.86 21.71 14.39
N TYR B 97 11.63 20.41 14.61
CA TYR B 97 11.80 19.42 13.55
C TYR B 97 10.73 19.58 12.47
N VAL B 98 9.47 19.75 12.88
CA VAL B 98 8.41 19.97 11.90
C VAL B 98 8.67 21.26 11.13
N TRP B 99 9.18 22.28 11.80
CA TRP B 99 9.45 23.54 11.11
C TRP B 99 10.61 23.39 10.13
N CYS B 100 11.61 22.61 10.48
CA CYS B 100 12.69 22.32 9.54
C CYS B 100 12.16 21.61 8.30
N VAL B 101 11.31 20.61 8.50
CA VAL B 101 10.72 19.91 7.38
C VAL B 101 9.92 20.89 6.51
N LEU B 102 9.13 21.74 7.16
CA LEU B 102 8.29 22.67 6.43
C LEU B 102 9.12 23.66 5.62
N VAL B 103 10.23 24.15 6.19
CA VAL B 103 11.05 25.10 5.45
C VAL B 103 11.71 24.42 4.26
N VAL B 104 12.15 23.16 4.42
CA VAL B 104 12.72 22.45 3.27
C VAL B 104 11.67 22.28 2.18
N LEU B 105 10.46 21.85 2.57
CA LEU B 105 9.39 21.70 1.58
C LEU B 105 9.11 23.02 0.88
N VAL B 106 8.96 24.10 1.64
CA VAL B 106 8.60 25.38 1.04
C VAL B 106 9.70 25.86 0.11
N GLY B 107 10.96 25.75 0.53
CA GLY B 107 12.05 26.20 -0.31
C GLY B 107 12.12 25.43 -1.62
N TYR B 108 12.08 24.11 -1.54
CA TYR B 108 12.16 23.32 -2.77
C TYR B 108 10.92 23.55 -3.63
N GLY B 109 9.76 23.73 -3.01
CA GLY B 109 8.55 23.98 -3.78
C GLY B 109 8.60 25.30 -4.51
N VAL B 110 9.08 26.36 -3.85
CA VAL B 110 9.17 27.65 -4.53
C VAL B 110 10.22 27.58 -5.62
N ILE B 111 11.31 26.84 -5.41
CA ILE B 111 12.31 26.68 -6.46
C ILE B 111 11.67 26.03 -7.68
N GLY B 112 10.95 24.93 -7.47
CA GLY B 112 10.32 24.26 -8.59
C GLY B 112 9.24 25.10 -9.24
N PHE B 113 8.50 25.87 -8.44
CA PHE B 113 7.47 26.74 -8.97
C PHE B 113 8.07 27.81 -9.86
N VAL B 114 9.18 28.41 -9.42
CA VAL B 114 9.87 29.39 -10.26
C VAL B 114 10.37 28.73 -11.54
N ASP B 115 10.90 27.52 -11.43
CA ASP B 115 11.40 26.81 -12.60
C ASP B 115 10.29 26.58 -13.62
N ASP B 116 9.13 26.12 -13.15
CA ASP B 116 8.03 25.83 -14.06
C ASP B 116 7.42 27.10 -14.62
N TYR B 117 7.37 28.17 -13.81
CA TYR B 117 6.89 29.46 -14.33
C TYR B 117 7.81 29.97 -15.43
N ARG B 118 9.13 29.84 -15.24
CA ARG B 118 10.07 30.22 -16.29
C ARG B 118 9.85 29.35 -17.53
N LYS B 119 9.62 28.05 -17.33
CA LYS B 119 9.41 27.16 -18.46
C LYS B 119 8.16 27.55 -19.25
N VAL B 120 7.08 27.88 -18.55
CA VAL B 120 5.82 28.19 -19.25
C VAL B 120 5.87 29.57 -19.89
N VAL B 121 6.59 30.51 -19.30
CA VAL B 121 6.72 31.85 -19.89
C VAL B 121 7.87 31.84 -20.88
N ILE B 129 16.90 27.82 -15.11
CA ILE B 129 18.33 27.63 -15.31
C ILE B 129 18.84 26.60 -14.32
N ALA B 130 19.66 25.66 -14.82
CA ALA B 130 20.13 24.57 -13.97
C ALA B 130 20.99 25.10 -12.82
N ARG B 131 21.90 26.03 -13.10
CA ARG B 131 22.81 26.50 -12.07
C ARG B 131 22.06 27.18 -10.94
N TRP B 132 21.05 27.98 -11.25
CA TRP B 132 20.31 28.69 -10.21
C TRP B 132 19.60 27.70 -9.30
N LYS B 133 18.91 26.73 -9.88
CA LYS B 133 18.19 25.73 -9.08
C LYS B 133 19.15 24.93 -8.21
N TYR B 134 20.26 24.48 -8.80
CA TYR B 134 21.22 23.70 -8.04
C TYR B 134 21.78 24.53 -6.89
N PHE B 135 22.11 25.79 -7.14
CA PHE B 135 22.68 26.62 -6.09
C PHE B 135 21.69 26.85 -4.95
N TRP B 136 20.42 27.14 -5.29
CA TRP B 136 19.44 27.35 -4.23
C TRP B 136 19.23 26.08 -3.42
N MET B 137 19.10 24.93 -4.09
CA MET B 137 18.95 23.67 -3.38
C MET B 137 20.15 23.44 -2.45
N SER B 138 21.36 23.66 -2.96
CA SER B 138 22.56 23.42 -2.17
C SER B 138 22.61 24.35 -0.95
N VAL B 139 22.29 25.63 -1.14
CA VAL B 139 22.41 26.56 -0.03
C VAL B 139 21.37 26.26 1.04
N ILE B 140 20.14 25.97 0.64
CA ILE B 140 19.11 25.67 1.65
C ILE B 140 19.45 24.38 2.38
N ALA B 141 19.89 23.35 1.66
CA ALA B 141 20.26 22.10 2.31
C ALA B 141 21.43 22.31 3.27
N LEU B 142 22.43 23.08 2.84
CA LEU B 142 23.58 23.33 3.71
C LEU B 142 23.18 24.09 4.95
N GLY B 143 22.31 25.09 4.82
CA GLY B 143 21.86 25.81 6.01
C GLY B 143 21.11 24.90 6.97
N VAL B 144 20.22 24.07 6.44
CA VAL B 144 19.45 23.17 7.31
C VAL B 144 20.39 22.19 8.01
N ALA B 145 21.34 21.62 7.27
CA ALA B 145 22.27 20.67 7.86
C ALA B 145 23.13 21.35 8.92
N PHE B 146 23.57 22.58 8.67
CA PHE B 146 24.37 23.30 9.64
C PHE B 146 23.60 23.57 10.92
N ALA B 147 22.33 24.00 10.79
CA ALA B 147 21.52 24.21 11.98
C ALA B 147 21.33 22.93 12.76
N LEU B 148 21.04 21.83 12.04
CA LEU B 148 20.83 20.56 12.72
C LEU B 148 22.10 20.09 13.43
N TYR B 149 23.26 20.28 12.79
CA TYR B 149 24.52 19.90 13.42
C TYR B 149 24.80 20.75 14.64
N LEU B 150 24.54 22.06 14.56
CA LEU B 150 24.71 22.91 15.72
C LEU B 150 23.84 22.43 16.87
N ALA B 151 22.61 21.98 16.57
CA ALA B 151 21.75 21.44 17.60
C ALA B 151 22.32 20.15 18.18
N GLY B 152 22.69 19.21 17.33
CA GLY B 152 23.15 17.89 17.75
C GLY B 152 24.64 17.76 17.94
N LYS B 153 25.18 18.33 19.02
CA LYS B 153 26.60 18.27 19.32
C LYS B 153 26.87 17.01 20.14
N ASP B 154 27.64 16.08 19.57
CA ASP B 154 28.06 14.86 20.26
C ASP B 154 26.86 14.17 20.92
N THR B 155 25.83 13.96 20.10
CA THR B 155 24.56 13.43 20.55
C THR B 155 24.15 12.31 19.60
N PRO B 156 23.47 11.27 20.08
CA PRO B 156 23.00 10.23 19.14
C PRO B 156 22.02 10.74 18.11
N ALA B 157 21.64 12.02 18.16
CA ALA B 157 20.86 12.64 17.10
C ALA B 157 21.70 12.99 15.88
N THR B 158 23.01 12.72 15.91
CA THR B 158 23.86 12.95 14.75
C THR B 158 24.82 11.80 14.51
N GLN B 159 24.51 10.60 15.02
CA GLN B 159 25.31 9.41 14.77
C GLN B 159 24.78 8.68 13.55
N LEU B 160 25.69 8.25 12.67
CA LEU B 160 25.30 7.47 11.52
C LEU B 160 24.76 6.12 11.95
N VAL B 161 23.69 5.67 11.31
CA VAL B 161 23.05 4.40 11.61
C VAL B 161 23.10 3.52 10.38
N VAL B 162 23.60 2.29 10.55
CA VAL B 162 23.71 1.33 9.44
C VAL B 162 22.89 0.11 9.77
N PRO B 163 22.14 -0.46 8.82
CA PRO B 163 21.38 -1.67 9.10
C PRO B 163 22.30 -2.87 9.35
N PHE B 164 21.72 -3.87 10.00
CA PHE B 164 22.40 -5.14 10.27
C PHE B 164 23.57 -4.99 11.23
N PHE B 165 23.68 -3.86 11.92
CA PHE B 165 24.76 -3.64 12.87
C PHE B 165 24.32 -2.65 13.93
N LYS B 166 24.60 -2.99 15.19
CA LYS B 166 24.29 -2.11 16.31
C LYS B 166 25.51 -1.74 17.14
N ASP B 167 26.62 -2.45 17.02
CA ASP B 167 27.82 -2.10 17.78
C ASP B 167 28.53 -0.89 17.19
N VAL B 168 28.38 -0.65 15.88
CA VAL B 168 29.07 0.43 15.19
C VAL B 168 28.09 1.57 14.97
N MET B 169 28.42 2.74 15.49
CA MET B 169 27.61 3.95 15.30
C MET B 169 28.55 5.14 15.23
N PRO B 170 29.27 5.29 14.12
CA PRO B 170 30.33 6.31 14.04
C PRO B 170 29.75 7.71 14.17
N GLN B 171 30.12 8.40 15.23
CA GLN B 171 29.68 9.78 15.41
C GLN B 171 30.25 10.64 14.29
N LEU B 172 29.46 11.60 13.84
CA LEU B 172 29.79 12.42 12.67
C LEU B 172 30.06 13.86 13.09
N GLY B 173 30.97 14.49 12.36
CA GLY B 173 31.23 15.90 12.52
C GLY B 173 30.74 16.68 11.32
N LEU B 174 31.68 17.21 10.52
CA LEU B 174 31.30 17.80 9.25
C LEU B 174 30.78 16.76 8.27
N PHE B 175 31.17 15.49 8.45
CA PHE B 175 30.60 14.43 7.62
C PHE B 175 29.09 14.39 7.76
N TYR B 176 28.55 14.80 8.92
CA TYR B 176 27.10 14.85 9.07
C TYR B 176 26.49 15.85 8.09
N ILE B 177 27.08 17.04 8.00
CA ILE B 177 26.58 18.04 7.06
C ILE B 177 26.74 17.53 5.64
N LEU B 178 27.88 16.91 5.34
CA LEU B 178 28.13 16.43 3.98
C LEU B 178 27.10 15.39 3.58
N LEU B 179 26.82 14.43 4.48
CA LEU B 179 25.86 13.39 4.17
C LEU B 179 24.44 13.94 4.11
N ALA B 180 24.10 14.90 4.96
CA ALA B 180 22.79 15.54 4.86
C ALA B 180 22.62 16.20 3.51
N TYR B 181 23.63 16.94 3.05
CA TYR B 181 23.54 17.60 1.76
C TYR B 181 23.40 16.59 0.64
N PHE B 182 24.23 15.54 0.65
CA PHE B 182 24.11 14.50 -0.36
C PHE B 182 22.72 13.90 -0.38
N VAL B 183 22.23 13.45 0.78
CA VAL B 183 20.95 12.75 0.78
C VAL B 183 19.83 13.67 0.31
N ILE B 184 19.80 14.91 0.82
CA ILE B 184 18.71 15.81 0.46
C ILE B 184 18.72 16.11 -1.03
N VAL B 185 19.86 16.55 -1.56
CA VAL B 185 19.90 16.96 -2.96
C VAL B 185 19.72 15.76 -3.88
N GLY B 186 20.35 14.63 -3.54
CA GLY B 186 20.20 13.45 -4.36
C GLY B 186 18.77 12.95 -4.43
N THR B 187 18.09 12.92 -3.28
CA THR B 187 16.69 12.51 -3.29
C THR B 187 15.84 13.49 -4.09
N GLY B 188 16.08 14.79 -3.93
CA GLY B 188 15.31 15.77 -4.69
C GLY B 188 15.45 15.56 -6.18
N ASN B 189 16.70 15.43 -6.65
CA ASN B 189 16.92 15.24 -8.08
C ASN B 189 16.41 13.88 -8.55
N ALA B 190 16.49 12.86 -7.69
CA ALA B 190 15.99 11.55 -8.07
C ALA B 190 14.49 11.58 -8.29
N VAL B 191 13.75 12.25 -7.42
CA VAL B 191 12.31 12.38 -7.64
C VAL B 191 12.04 13.26 -8.86
N ASN B 192 12.85 14.30 -9.05
CA ASN B 192 12.67 15.17 -10.22
C ASN B 192 12.78 14.38 -11.51
N LEU B 193 13.76 13.48 -11.60
CA LEU B 193 13.91 12.67 -12.80
C LEU B 193 12.96 11.47 -12.83
N THR B 194 12.46 11.03 -11.67
CA THR B 194 11.44 9.99 -11.64
C THR B 194 10.09 10.52 -12.08
N ASP B 195 9.92 11.84 -12.16
CA ASP B 195 8.71 12.42 -12.71
C ASP B 195 8.45 11.99 -14.15
N GLY B 196 9.37 11.24 -14.76
CA GLY B 196 9.27 10.99 -16.19
C GLY B 196 7.91 10.48 -16.62
N LEU B 197 7.32 9.59 -15.84
CA LEU B 197 5.98 9.09 -16.09
C LEU B 197 5.02 9.66 -15.05
N ASP B 198 3.76 9.79 -15.45
CA ASP B 198 2.76 10.40 -14.58
C ASP B 198 2.25 9.38 -13.57
N GLY B 199 2.30 9.75 -12.29
CA GLY B 199 1.92 8.86 -11.21
C GLY B 199 3.04 8.00 -10.69
N LEU B 200 4.21 8.02 -11.31
CA LEU B 200 5.32 7.18 -10.90
C LEU B 200 6.06 7.72 -9.68
N ALA B 201 6.06 9.03 -9.47
CA ALA B 201 6.89 9.65 -8.44
C ALA B 201 6.08 10.09 -7.23
N ILE B 202 4.87 9.56 -7.05
CA ILE B 202 3.99 9.91 -5.94
C ILE B 202 3.66 8.70 -5.09
N MET B 203 3.25 7.60 -5.71
CA MET B 203 2.97 6.40 -4.93
C MET B 203 4.22 5.85 -4.26
N PRO B 204 5.38 5.77 -4.91
CA PRO B 204 6.60 5.45 -4.15
C PRO B 204 6.84 6.43 -3.01
N THR B 205 6.57 7.71 -3.25
CA THR B 205 6.69 8.68 -2.17
C THR B 205 5.71 8.38 -1.05
N VAL B 206 4.49 7.95 -1.40
CA VAL B 206 3.52 7.60 -0.37
C VAL B 206 4.02 6.43 0.45
N PHE B 207 4.55 5.40 -0.21
CA PHE B 207 5.02 4.23 0.52
C PHE B 207 6.19 4.56 1.42
N VAL B 208 7.15 5.34 0.91
CA VAL B 208 8.29 5.72 1.73
C VAL B 208 7.85 6.64 2.87
N ALA B 209 6.87 7.51 2.65
CA ALA B 209 6.39 8.36 3.73
C ALA B 209 5.69 7.56 4.80
N GLY B 210 4.94 6.52 4.41
CA GLY B 210 4.36 5.64 5.42
C GLY B 210 5.40 4.88 6.20
N GLY B 211 6.41 4.35 5.52
CA GLY B 211 7.50 3.70 6.22
C GLY B 211 8.19 4.63 7.19
N PHE B 212 8.40 5.88 6.78
CA PHE B 212 9.05 6.84 7.65
C PHE B 212 8.15 7.26 8.80
N ALA B 213 6.83 7.27 8.59
CA ALA B 213 5.92 7.49 9.71
C ALA B 213 6.07 6.39 10.75
N LEU B 214 6.11 5.14 10.31
CA LEU B 214 6.31 4.04 11.24
C LEU B 214 7.65 4.18 11.97
N VAL B 215 8.71 4.49 11.23
CA VAL B 215 10.03 4.60 11.85
C VAL B 215 10.07 5.75 12.85
N ALA B 216 9.50 6.89 12.48
CA ALA B 216 9.49 8.03 13.38
C ALA B 216 8.71 7.72 14.64
N TRP B 217 7.56 7.06 14.51
CA TRP B 217 6.81 6.66 15.69
C TRP B 217 7.64 5.72 16.56
N ALA B 218 8.40 4.81 15.94
CA ALA B 218 9.26 3.93 16.71
C ALA B 218 10.35 4.71 17.43
N THR B 219 10.83 5.80 16.82
CA THR B 219 11.87 6.60 17.45
C THR B 219 11.34 7.38 18.64
N GLY B 220 10.08 7.79 18.60
CA GLY B 220 9.57 8.68 19.63
C GLY B 220 9.55 8.06 21.02
N ASN B 221 9.06 6.83 21.12
CA ASN B 221 8.83 6.24 22.43
C ASN B 221 10.12 5.67 23.02
N MET B 222 10.23 5.71 24.34
CA MET B 222 11.42 5.17 25.01
C MET B 222 11.55 3.66 24.78
N ASN B 223 10.47 2.91 25.03
CA ASN B 223 10.59 1.46 25.01
C ASN B 223 10.99 0.95 23.64
N PHE B 224 10.27 1.36 22.59
CA PHE B 224 10.60 0.91 21.25
C PHE B 224 11.95 1.45 20.79
N ALA B 225 12.26 2.69 21.13
CA ALA B 225 13.55 3.25 20.74
C ALA B 225 14.69 2.42 21.30
N SER B 226 14.58 1.99 22.56
CA SER B 226 15.61 1.14 23.14
C SER B 226 15.57 -0.27 22.56
N TYR B 227 14.38 -0.78 22.26
CA TYR B 227 14.26 -2.16 21.78
C TYR B 227 14.90 -2.30 20.39
N LEU B 228 14.60 -1.37 19.49
CA LEU B 228 15.08 -1.45 18.12
C LEU B 228 16.48 -0.87 17.97
N HIS B 229 17.07 -0.32 19.03
CA HIS B 229 18.38 0.31 19.02
C HIS B 229 18.41 1.56 18.15
N ILE B 230 17.26 2.05 17.70
CA ILE B 230 17.22 3.27 16.89
C ILE B 230 17.65 4.46 17.75
N PRO B 231 18.42 5.41 17.24
CA PRO B 231 18.75 6.58 18.05
C PRO B 231 17.50 7.30 18.52
N TYR B 232 17.54 7.80 19.74
CA TYR B 232 16.41 8.49 20.34
C TYR B 232 16.46 9.97 20.02
N LEU B 233 15.35 10.51 19.53
CA LEU B 233 15.18 11.95 19.36
C LEU B 233 13.88 12.36 20.04
N ARG B 234 13.97 13.28 20.99
CA ARG B 234 12.79 13.66 21.75
C ARG B 234 11.75 14.35 20.88
N HIS B 235 12.20 15.06 19.84
CA HIS B 235 11.30 15.82 18.97
C HIS B 235 10.86 15.02 17.75
N ALA B 236 11.33 13.79 17.58
CA ALA B 236 10.98 13.00 16.42
C ALA B 236 9.59 12.39 16.49
N GLY B 237 8.98 12.36 17.68
CA GLY B 237 7.64 11.81 17.78
C GLY B 237 6.60 12.57 17.01
N GLU B 238 6.84 13.86 16.76
CA GLU B 238 5.91 14.70 16.03
C GLU B 238 6.13 14.65 14.51
N LEU B 239 7.20 14.00 14.05
CA LEU B 239 7.36 13.80 12.62
C LEU B 239 6.38 12.79 12.07
N VAL B 240 5.72 12.02 12.93
CA VAL B 240 4.69 11.09 12.46
C VAL B 240 3.59 11.87 11.75
N ILE B 241 3.20 13.02 12.29
CA ILE B 241 2.15 13.81 11.66
C ILE B 241 2.59 14.29 10.30
N VAL B 242 3.83 14.76 10.18
CA VAL B 242 4.31 15.24 8.88
C VAL B 242 4.33 14.10 7.87
N CYS B 243 4.84 12.93 8.28
CA CYS B 243 4.91 11.80 7.35
C CYS B 243 3.51 11.35 6.94
N THR B 244 2.59 11.29 7.88
CA THR B 244 1.23 10.86 7.56
C THR B 244 0.54 11.88 6.67
N ALA B 245 0.77 13.17 6.90
CA ALA B 245 0.23 14.19 6.03
C ALA B 245 0.81 14.08 4.62
N ILE B 246 2.09 13.75 4.52
CA ILE B 246 2.67 13.52 3.20
C ILE B 246 2.00 12.35 2.52
N VAL B 247 1.73 11.28 3.28
CA VAL B 247 1.04 10.13 2.71
C VAL B 247 -0.33 10.53 2.18
N GLY B 248 -1.08 11.28 3.00
CA GLY B 248 -2.41 11.68 2.60
C GLY B 248 -2.40 12.57 1.36
N ALA B 249 -1.50 13.56 1.35
CA ALA B 249 -1.41 14.44 0.20
C ALA B 249 -0.97 13.67 -1.05
N GLY B 250 -0.06 12.71 -0.88
CA GLY B 250 0.35 11.91 -2.02
C GLY B 250 -0.79 11.09 -2.60
N LEU B 251 -1.59 10.47 -1.74
CA LEU B 251 -2.74 9.73 -2.24
C LEU B 251 -3.74 10.67 -2.92
N GLY B 252 -4.01 11.82 -2.30
CA GLY B 252 -4.93 12.76 -2.90
C GLY B 252 -4.48 13.22 -4.27
N PHE B 253 -3.18 13.49 -4.42
CA PHE B 253 -2.67 13.89 -5.72
C PHE B 253 -2.71 12.73 -6.71
N LEU B 254 -2.38 11.52 -6.26
CA LEU B 254 -2.47 10.37 -7.14
C LEU B 254 -3.88 10.17 -7.64
N TRP B 255 -4.88 10.68 -6.89
CA TRP B 255 -6.25 10.59 -7.36
C TRP B 255 -6.38 11.18 -8.77
N PHE B 256 -5.63 12.23 -9.07
CA PHE B 256 -5.62 12.83 -10.40
C PHE B 256 -4.45 12.39 -11.26
N ASN B 257 -3.30 12.08 -10.66
CA ASN B 257 -2.08 11.80 -11.41
C ASN B 257 -1.96 10.30 -11.69
N THR B 258 -2.99 9.76 -12.34
CA THR B 258 -2.97 8.40 -12.82
C THR B 258 -2.57 8.42 -14.30
N TYR B 259 -2.44 7.23 -14.90
CA TYR B 259 -1.94 7.16 -16.28
C TYR B 259 -2.67 8.13 -17.21
N PRO B 260 -3.99 8.22 -17.21
CA PRO B 260 -4.61 9.38 -17.86
C PRO B 260 -4.57 10.58 -16.92
N ALA B 261 -3.37 11.13 -16.74
CA ALA B 261 -3.14 12.15 -15.72
C ALA B 261 -3.87 13.43 -16.09
N GLN B 262 -4.80 13.84 -15.23
CA GLN B 262 -5.44 15.14 -15.42
C GLN B 262 -4.45 16.28 -15.26
N VAL B 263 -3.60 16.20 -14.24
CA VAL B 263 -2.64 17.25 -13.92
C VAL B 263 -1.27 16.61 -13.75
N PHE B 264 -0.29 17.10 -14.49
CA PHE B 264 1.07 16.60 -14.35
C PHE B 264 1.68 17.09 -13.04
N MET B 265 2.65 16.33 -12.53
CA MET B 265 3.25 16.67 -11.24
C MET B 265 4.11 17.92 -11.35
N GLY B 266 4.98 17.97 -12.35
CA GLY B 266 5.89 19.09 -12.51
C GLY B 266 7.00 19.08 -11.48
N ASP B 267 7.90 20.05 -11.61
CA ASP B 267 9.00 20.18 -10.65
C ASP B 267 8.54 20.78 -9.33
N VAL B 268 7.51 21.64 -9.37
CA VAL B 268 7.12 22.40 -8.18
C VAL B 268 6.77 21.47 -7.03
N GLY B 269 6.13 20.34 -7.32
CA GLY B 269 5.79 19.39 -6.28
C GLY B 269 6.83 18.30 -6.15
N SER B 270 7.46 17.94 -7.28
CA SER B 270 8.43 16.86 -7.27
C SER B 270 9.61 17.19 -6.37
N LEU B 271 10.22 18.36 -6.57
CA LEU B 271 11.38 18.72 -5.75
C LEU B 271 11.00 18.85 -4.29
N ALA B 272 9.81 19.42 -4.02
CA ALA B 272 9.36 19.55 -2.65
C ALA B 272 9.25 18.19 -1.98
N LEU B 273 8.63 17.22 -2.66
CA LEU B 273 8.44 15.91 -2.04
C LEU B 273 9.76 15.17 -1.89
N GLY B 274 10.66 15.29 -2.87
CA GLY B 274 11.97 14.68 -2.73
C GLY B 274 12.74 15.26 -1.56
N GLY B 275 12.73 16.58 -1.42
CA GLY B 275 13.38 17.20 -0.28
C GLY B 275 12.75 16.80 1.04
N ALA B 276 11.41 16.70 1.05
CA ALA B 276 10.73 16.27 2.26
C ALA B 276 11.15 14.86 2.65
N LEU B 277 11.21 13.96 1.67
CA LEU B 277 11.62 12.59 1.97
C LEU B 277 13.04 12.55 2.50
N GLY B 278 13.96 13.26 1.83
CA GLY B 278 15.34 13.28 2.30
C GLY B 278 15.48 13.89 3.67
N ILE B 279 14.71 14.93 3.96
CA ILE B 279 14.83 15.62 5.23
C ILE B 279 14.29 14.74 6.36
N ILE B 280 13.16 14.07 6.13
CA ILE B 280 12.69 13.09 7.10
C ILE B 280 13.76 12.03 7.33
N ALA B 281 14.44 11.62 6.26
CA ALA B 281 15.49 10.61 6.42
C ALA B 281 16.61 11.12 7.32
N VAL B 282 17.10 12.33 7.07
CA VAL B 282 18.28 12.79 7.80
C VAL B 282 17.93 13.08 9.25
N LEU B 283 16.82 13.77 9.52
CA LEU B 283 16.47 14.07 10.91
C LEU B 283 16.29 12.80 11.74
N LEU B 284 15.87 11.70 11.12
CA LEU B 284 15.76 10.43 11.82
C LEU B 284 17.06 9.64 11.78
N ARG B 285 18.10 10.16 11.15
CA ARG B 285 19.36 9.44 11.00
C ARG B 285 19.12 8.09 10.34
N GLN B 286 18.44 8.13 9.19
CA GLN B 286 18.03 6.94 8.46
C GLN B 286 18.29 7.12 6.97
N GLU B 287 19.50 7.56 6.62
CA GLU B 287 19.84 7.72 5.22
C GLU B 287 19.82 6.38 4.50
N PHE B 288 20.42 5.35 5.10
CA PHE B 288 20.41 4.03 4.47
C PHE B 288 19.00 3.47 4.35
N LEU B 289 18.16 3.75 5.34
CA LEU B 289 16.76 3.31 5.25
C LEU B 289 16.04 4.02 4.12
N LEU B 290 16.38 5.29 3.85
CA LEU B 290 15.78 5.97 2.70
C LEU B 290 16.30 5.38 1.39
N VAL B 291 17.59 5.05 1.34
CA VAL B 291 18.14 4.46 0.12
C VAL B 291 17.45 3.14 -0.18
N ILE B 292 17.27 2.30 0.84
CA ILE B 292 16.58 1.02 0.63
C ILE B 292 15.11 1.24 0.31
N MET B 293 14.43 2.06 1.10
CA MET B 293 13.00 2.30 0.88
C MET B 293 12.75 2.97 -0.46
N GLY B 294 13.44 4.07 -0.73
CA GLY B 294 13.31 4.76 -1.98
C GLY B 294 14.30 4.24 -3.00
N GLY B 295 14.49 2.93 -3.02
CA GLY B 295 15.45 2.35 -3.96
C GLY B 295 15.06 2.54 -5.41
N VAL B 296 13.79 2.84 -5.68
CA VAL B 296 13.38 3.13 -7.05
C VAL B 296 14.05 4.41 -7.54
N PHE B 297 14.01 5.46 -6.71
CA PHE B 297 14.67 6.71 -7.08
C PHE B 297 16.17 6.51 -7.23
N VAL B 298 16.77 5.76 -6.31
CA VAL B 298 18.22 5.55 -6.36
C VAL B 298 18.60 4.78 -7.62
N VAL B 299 17.85 3.73 -7.95
CA VAL B 299 18.20 2.94 -9.12
C VAL B 299 17.95 3.73 -10.39
N GLU B 300 16.96 4.63 -10.40
CA GLU B 300 16.78 5.48 -11.58
C GLU B 300 17.94 6.47 -11.73
N THR B 301 18.41 7.04 -10.61
CA THR B 301 19.59 7.89 -10.68
C THR B 301 20.80 7.11 -11.19
N LEU B 302 20.98 5.89 -10.67
CA LEU B 302 22.09 5.05 -11.14
C LEU B 302 21.93 4.75 -12.63
N SER B 303 20.70 4.56 -13.09
CA SER B 303 20.48 4.27 -14.50
C SER B 303 20.88 5.45 -15.36
N VAL B 304 20.46 6.66 -15.00
CA VAL B 304 20.82 7.83 -15.80
C VAL B 304 22.34 8.03 -15.77
N ILE B 305 22.96 7.81 -14.61
CA ILE B 305 24.41 7.96 -14.51
C ILE B 305 25.12 6.96 -15.41
N LEU B 306 24.69 5.70 -15.37
CA LEU B 306 25.32 4.69 -16.22
C LEU B 306 25.12 5.01 -17.69
N GLN B 307 23.93 5.47 -18.07
CA GLN B 307 23.67 5.77 -19.47
C GLN B 307 24.59 6.90 -19.95
N VAL B 308 24.69 7.97 -19.16
CA VAL B 308 25.55 9.09 -19.59
C VAL B 308 27.01 8.65 -19.61
N GLY B 309 27.43 7.85 -18.62
CA GLY B 309 28.81 7.39 -18.60
C GLY B 309 29.15 6.54 -19.81
N SER B 310 28.27 5.60 -20.16
CA SER B 310 28.52 4.78 -21.35
C SER B 310 28.48 5.62 -22.62
N PHE B 311 27.56 6.58 -22.69
CA PHE B 311 27.48 7.43 -23.87
C PHE B 311 28.76 8.23 -24.07
N LYS B 312 29.30 8.79 -22.99
CA LYS B 312 30.54 9.55 -23.09
C LYS B 312 31.74 8.64 -23.34
N LEU B 313 31.75 7.46 -22.71
CA LEU B 313 32.90 6.56 -22.79
C LEU B 313 32.98 5.87 -24.15
N ARG B 314 31.85 5.44 -24.69
CA ARG B 314 31.84 4.72 -25.96
C ARG B 314 30.51 4.96 -26.65
N GLY B 315 30.46 4.58 -27.93
CA GLY B 315 29.30 4.87 -28.76
C GLY B 315 28.07 4.06 -28.43
N GLN B 316 28.24 2.92 -27.77
CA GLN B 316 27.10 2.05 -27.46
C GLN B 316 26.39 2.53 -26.20
N ARG B 317 25.09 2.25 -26.14
CA ARG B 317 24.24 2.67 -25.04
C ARG B 317 23.77 1.45 -24.25
N ILE B 318 23.68 1.60 -22.93
CA ILE B 318 23.21 0.51 -22.08
C ILE B 318 21.70 0.33 -22.20
N PHE B 319 20.96 1.44 -22.15
CA PHE B 319 19.50 1.43 -22.17
C PHE B 319 19.00 2.22 -23.35
N ARG B 320 17.72 2.03 -23.67
CA ARG B 320 17.09 2.83 -24.73
C ARG B 320 17.07 4.30 -24.35
N MET B 321 16.69 4.61 -23.11
CA MET B 321 16.75 5.96 -22.58
C MET B 321 17.35 5.91 -21.18
N ALA B 322 17.83 7.07 -20.72
CA ALA B 322 18.59 7.09 -19.48
C ALA B 322 17.80 6.58 -18.29
N PRO B 323 16.57 7.02 -18.04
CA PRO B 323 15.81 6.46 -16.93
C PRO B 323 15.26 5.09 -17.27
N ILE B 324 15.12 4.26 -16.23
CA ILE B 324 14.65 2.88 -16.46
C ILE B 324 13.22 2.88 -16.95
N HIS B 325 12.37 3.74 -16.39
CA HIS B 325 10.96 3.73 -16.78
C HIS B 325 10.80 4.08 -18.25
N HIS B 326 11.54 5.08 -18.73
CA HIS B 326 11.48 5.41 -20.16
C HIS B 326 11.99 4.27 -21.01
N HIS B 327 13.08 3.63 -20.57
CA HIS B 327 13.62 2.51 -21.34
C HIS B 327 12.59 1.40 -21.48
N TYR B 328 11.92 1.03 -20.39
CA TYR B 328 10.93 -0.03 -20.47
C TYR B 328 9.71 0.41 -21.26
N GLU B 329 9.33 1.68 -21.15
CA GLU B 329 8.20 2.18 -21.93
C GLU B 329 8.48 2.06 -23.42
N LEU B 330 9.70 2.39 -23.84
CA LEU B 330 10.06 2.26 -25.25
C LEU B 330 10.30 0.81 -25.66
N LYS B 331 10.65 -0.07 -24.71
CA LYS B 331 10.87 -1.46 -25.06
C LYS B 331 9.58 -2.13 -25.54
N GLY B 332 8.43 -1.60 -25.11
CA GLY B 332 7.16 -2.17 -25.51
C GLY B 332 6.16 -2.20 -24.37
N TRP B 333 6.66 -2.05 -23.15
CA TRP B 333 5.78 -2.04 -22.00
C TRP B 333 4.87 -0.82 -22.07
N PRO B 334 3.56 -0.96 -21.91
CA PRO B 334 2.70 0.22 -21.83
C PRO B 334 2.99 1.01 -20.56
N GLU B 335 2.66 2.30 -20.62
CA GLU B 335 2.91 3.18 -19.49
C GLU B 335 2.26 2.68 -18.20
N PRO B 336 0.97 2.33 -18.17
CA PRO B 336 0.39 1.88 -16.90
C PRO B 336 1.04 0.63 -16.34
N ARG B 337 1.46 -0.29 -17.22
CA ARG B 337 2.08 -1.52 -16.74
C ARG B 337 3.37 -1.22 -15.99
N VAL B 338 4.23 -0.38 -16.57
CA VAL B 338 5.48 -0.04 -15.90
C VAL B 338 5.21 0.78 -14.64
N ILE B 339 4.20 1.66 -14.67
CA ILE B 339 3.88 2.45 -13.49
C ILE B 339 3.51 1.53 -12.33
N VAL B 340 2.60 0.59 -12.57
CA VAL B 340 2.16 -0.29 -11.48
C VAL B 340 3.30 -1.23 -11.08
N ARG B 341 4.13 -1.66 -12.01
CA ARG B 341 5.22 -2.55 -11.65
C ARG B 341 6.24 -1.84 -10.76
N PHE B 342 6.53 -0.57 -11.03
CA PHE B 342 7.42 0.16 -10.11
C PHE B 342 6.72 0.51 -8.81
N TRP B 343 5.40 0.66 -8.80
CA TRP B 343 4.70 0.74 -7.53
C TRP B 343 4.94 -0.52 -6.70
N ILE B 344 4.84 -1.69 -7.33
CA ILE B 344 5.08 -2.95 -6.63
C ILE B 344 6.51 -3.01 -6.12
N ILE B 345 7.46 -2.62 -6.96
CA ILE B 345 8.87 -2.63 -6.55
C ILE B 345 9.06 -1.73 -5.33
N SER B 346 8.48 -0.52 -5.36
CA SER B 346 8.63 0.41 -4.26
C SER B 346 8.02 -0.16 -2.98
N LEU B 347 6.86 -0.80 -3.08
CA LEU B 347 6.23 -1.39 -1.90
C LEU B 347 7.13 -2.48 -1.30
N MET B 348 7.67 -3.36 -2.14
CA MET B 348 8.54 -4.40 -1.63
C MET B 348 9.80 -3.83 -0.98
N LEU B 349 10.40 -2.82 -1.60
CA LEU B 349 11.56 -2.21 -0.95
C LEU B 349 11.18 -1.54 0.36
N VAL B 350 9.99 -0.96 0.46
CA VAL B 350 9.58 -0.35 1.72
C VAL B 350 9.48 -1.42 2.81
N LEU B 351 8.86 -2.55 2.50
CA LEU B 351 8.76 -3.61 3.49
C LEU B 351 10.15 -4.12 3.88
N ILE B 352 11.03 -4.30 2.90
CA ILE B 352 12.38 -4.78 3.21
C ILE B 352 13.10 -3.79 4.11
N GLY B 353 12.99 -2.50 3.81
CA GLY B 353 13.63 -1.50 4.64
C GLY B 353 13.10 -1.51 6.06
N LEU B 354 11.78 -1.63 6.21
CA LEU B 354 11.21 -1.68 7.55
C LEU B 354 11.69 -2.91 8.30
N ALA B 355 11.83 -4.04 7.62
CA ALA B 355 12.36 -5.23 8.27
C ALA B 355 13.82 -5.05 8.68
N THR B 356 14.59 -4.31 7.87
CA THR B 356 16.01 -4.12 8.18
C THR B 356 16.21 -3.54 9.57
N LEU B 357 15.30 -2.67 10.03
CA LEU B 357 15.43 -2.15 11.40
C LEU B 357 15.29 -3.27 12.41
N LYS B 358 14.35 -4.19 12.22
CA LYS B 358 14.16 -5.27 13.17
C LYS B 358 15.32 -6.26 13.10
N VAL B 359 15.97 -6.39 11.95
CA VAL B 359 17.08 -7.32 11.84
C VAL B 359 18.19 -6.94 12.81
N ARG B 360 18.42 -5.65 13.00
CA ARG B 360 19.46 -5.17 13.90
C ARG B 360 19.27 -5.73 15.30
#